data_4BA5
#
_entry.id   4BA5
#
_cell.length_a   58.452
_cell.length_b   60.536
_cell.length_c   61.300
_cell.angle_alpha   68.40
_cell.angle_beta   76.18
_cell.angle_gamma   84.28
#
_symmetry.space_group_name_H-M   'P 1'
#
loop_
_entity.id
_entity.type
_entity.pdbx_description
1 polymer AMINOTRANSFERASE
2 non-polymer '3-[O-PHOSPHONOPYRIDOXYL]--AMINO-BENZOIC ACID'
3 non-polymer 'SULFATE ION'
4 water water
#
_entity_poly.entity_id   1
_entity_poly.type   'polypeptide(L)'
_entity_poly.pdbx_seq_one_letter_code
;MQKQRTTSQWRELDAAHHLHPFTDTASLNQAGARVMTRGEGVYLWDSEGNKIIDGMAGLWCVNVGYGRKDFAEAARRQME
ELPFYNTFFKTTHPAVVELSSLLAEVTPAGFDRVFYTNSGSESVDTMIRMVRRYWDVQGKPEKKTLIGRWNGYHGSTIGG
ASLGGMKYMHEQGDLPIPGMAHIEQPWWYKHGKDMTPDEFGVVAARWLEEKILEIGADKVAAFVGEPIQGAGGVIVPPAT
YWPEIERICRKYDVLLVADEVICGFGRTGEWFGHQHFGFQPDLFTAAKGLSSGYLPIGAVFVGKRVAEGLIAGGDFNHGF
TYSGHPVCAAVAHANVAALRDEGIVQRVKDDIGPYMQKRWRETFSRFEHVDDVRGVGMVQAFTLVKNKAKRELFPDFGEI
GTLCRDIFFRNNLIMRACGDHIVSAPPLVMTRAEVDEMLAVAERCLEEFEQTLKARGLA
;
_entity_poly.pdbx_strand_id   A,B
#
loop_
_chem_comp.id
_chem_comp.type
_chem_comp.name
_chem_comp.formula
PXG non-polymer '3-[O-PHOSPHONOPYRIDOXYL]--AMINO-BENZOIC ACID' 'C15 H17 N2 O7 P'
SO4 non-polymer 'SULFATE ION' 'O4 S -2'
#
# COMPACT_ATOMS: atom_id res chain seq x y z
N ALA A 33 -14.27 -6.53 -26.09
CA ALA A 33 -13.15 -7.24 -26.76
C ALA A 33 -12.92 -8.63 -26.15
N ARG A 34 -11.65 -8.97 -25.90
CA ARG A 34 -11.26 -10.25 -25.31
C ARG A 34 -10.96 -10.13 -23.81
N VAL A 35 -11.77 -10.80 -22.99
CA VAL A 35 -11.56 -10.83 -21.53
C VAL A 35 -10.82 -12.10 -21.11
N MET A 36 -10.05 -11.99 -20.03
CA MET A 36 -9.42 -13.16 -19.38
C MET A 36 -10.47 -14.09 -18.77
N THR A 37 -10.32 -15.40 -19.01
CA THR A 37 -11.26 -16.42 -18.52
C THR A 37 -10.62 -17.48 -17.64
N ARG A 38 -9.30 -17.66 -17.77
CA ARG A 38 -8.65 -18.73 -17.01
C ARG A 38 -7.14 -18.53 -16.93
N GLY A 39 -6.56 -18.95 -15.80
CA GLY A 39 -5.10 -19.04 -15.67
C GLY A 39 -4.72 -20.42 -15.16
N GLU A 40 -3.69 -21.03 -15.75
CA GLU A 40 -3.13 -22.28 -15.23
CA GLU A 40 -3.12 -22.27 -15.21
C GLU A 40 -1.68 -22.42 -15.63
N GLY A 41 -0.81 -22.65 -14.64
CA GLY A 41 0.62 -22.82 -14.90
C GLY A 41 1.21 -21.56 -15.51
N VAL A 42 1.87 -21.70 -16.66
CA VAL A 42 2.43 -20.54 -17.37
C VAL A 42 1.50 -19.93 -18.42
N TYR A 43 0.24 -20.39 -18.46
CA TYR A 43 -0.68 -19.91 -19.49
C TYR A 43 -1.87 -19.17 -18.90
N LEU A 44 -2.45 -18.30 -19.72
CA LEU A 44 -3.77 -17.80 -19.43
C LEU A 44 -4.60 -17.93 -20.69
N TRP A 45 -5.92 -17.98 -20.53
CA TRP A 45 -6.84 -18.07 -21.68
C TRP A 45 -7.77 -16.91 -21.75
N ASP A 46 -8.19 -16.56 -22.97
CA ASP A 46 -9.14 -15.46 -23.14
C ASP A 46 -10.52 -15.99 -23.54
N SER A 47 -11.48 -15.09 -23.75
CA SER A 47 -12.88 -15.49 -24.00
C SER A 47 -13.08 -16.18 -25.35
N GLU A 48 -12.09 -16.01 -26.23
CA GLU A 48 -12.08 -16.64 -27.56
C GLU A 48 -11.32 -17.98 -27.56
N GLY A 49 -10.88 -18.41 -26.40
CA GLY A 49 -10.23 -19.73 -26.28
C GLY A 49 -8.74 -19.73 -26.55
N ASN A 50 -8.18 -18.58 -26.90
CA ASN A 50 -6.74 -18.45 -27.15
C ASN A 50 -5.89 -18.77 -25.91
N LYS A 51 -4.92 -19.66 -26.06
CA LYS A 51 -3.93 -19.89 -25.00
C LYS A 51 -2.79 -18.89 -25.15
N ILE A 52 -2.59 -18.08 -24.11
CA ILE A 52 -1.57 -17.01 -24.10
C ILE A 52 -0.40 -17.50 -23.24
N ILE A 53 0.81 -17.48 -23.79
CA ILE A 53 1.98 -17.90 -23.05
C ILE A 53 2.40 -16.67 -22.24
N ASP A 54 2.46 -16.83 -20.93
CA ASP A 54 2.73 -15.67 -20.08
C ASP A 54 4.22 -15.59 -19.78
N GLY A 55 4.91 -14.78 -20.56
CA GLY A 55 6.36 -14.70 -20.39
C GLY A 55 6.73 -13.61 -19.42
N MET A 56 5.74 -13.00 -18.79
CA MET A 56 6.06 -11.86 -17.90
CA MET A 56 5.93 -11.80 -17.94
C MET A 56 5.46 -11.95 -16.50
N ALA A 57 4.68 -12.96 -16.18
N ALA A 57 4.90 -13.13 -16.22
CA ALA A 57 3.96 -12.90 -14.91
CA ALA A 57 4.37 -13.62 -14.92
C ALA A 57 4.85 -12.73 -13.65
C ALA A 57 3.59 -12.61 -14.09
N GLY A 58 6.15 -13.01 -13.77
N GLY A 58 2.33 -12.44 -14.40
CA GLY A 58 7.09 -12.78 -12.68
CA GLY A 58 1.58 -11.38 -13.76
C GLY A 58 7.37 -11.31 -12.35
C GLY A 58 2.36 -10.10 -13.99
N LEU A 59 7.02 -10.43 -13.28
N LEU A 59 2.84 -9.49 -12.93
CA LEU A 59 7.15 -8.98 -12.97
CA LEU A 59 3.80 -8.40 -13.08
C LEU A 59 6.10 -8.58 -11.95
C LEU A 59 5.10 -8.76 -12.38
N TRP A 60 5.00 -9.34 -11.90
N TRP A 60 5.81 -9.72 -12.99
CA TRP A 60 3.99 -9.26 -10.87
CA TRP A 60 7.01 -10.30 -12.41
C TRP A 60 4.23 -10.37 -9.86
C TRP A 60 6.78 -11.13 -11.18
N CYS A 61 5.43 -10.93 -9.91
N CYS A 61 5.56 -11.13 -10.66
CA CYS A 61 5.85 -12.00 -9.02
CA CYS A 61 5.28 -11.59 -9.28
C CYS A 61 5.01 -13.29 -9.05
C CYS A 61 4.91 -13.07 -9.10
N VAL A 62 4.34 -13.64 -10.15
CA VAL A 62 3.62 -14.95 -10.16
C VAL A 62 4.60 -16.12 -10.35
N ASN A 63 5.41 -16.39 -9.33
CA ASN A 63 6.61 -17.20 -9.48
C ASN A 63 6.35 -18.70 -9.59
N VAL A 64 5.24 -19.16 -9.04
CA VAL A 64 4.88 -20.60 -9.14
C VAL A 64 3.77 -20.88 -10.17
N GLY A 65 3.41 -19.86 -10.94
CA GLY A 65 2.36 -19.95 -11.97
C GLY A 65 0.95 -19.88 -11.42
N TYR A 66 -0.04 -19.99 -12.32
CA TYR A 66 -1.43 -19.84 -11.94
C TYR A 66 -2.05 -21.17 -11.49
N GLY A 67 -3.15 -21.06 -10.75
CA GLY A 67 -4.05 -22.20 -10.55
C GLY A 67 -3.72 -23.05 -9.36
N ARG A 68 -2.89 -22.53 -8.46
CA ARG A 68 -2.53 -23.29 -7.23
C ARG A 68 -3.72 -23.40 -6.28
N LYS A 69 -4.35 -24.57 -6.30
CA LYS A 69 -5.51 -24.87 -5.47
CA LYS A 69 -5.53 -24.79 -5.48
C LYS A 69 -5.18 -24.84 -3.99
N ASP A 70 -3.96 -25.24 -3.67
CA ASP A 70 -3.52 -25.26 -2.27
C ASP A 70 -3.38 -23.85 -1.66
N PHE A 71 -2.96 -22.89 -2.47
CA PHE A 71 -2.94 -21.49 -2.02
C PHE A 71 -4.36 -20.97 -1.79
N ALA A 72 -5.28 -21.32 -2.70
CA ALA A 72 -6.67 -20.91 -2.62
C ALA A 72 -7.32 -21.44 -1.34
N GLU A 73 -6.96 -22.66 -0.97
CA GLU A 73 -7.43 -23.31 0.22
C GLU A 73 -6.86 -22.61 1.44
N ALA A 74 -5.55 -22.32 1.42
CA ALA A 74 -4.89 -21.61 2.52
C ALA A 74 -5.62 -20.29 2.84
N ALA A 75 -5.96 -19.53 1.80
CA ALA A 75 -6.74 -18.29 1.97
C ALA A 75 -8.15 -18.57 2.49
N ARG A 76 -8.84 -19.51 1.85
CA ARG A 76 -10.23 -19.82 2.23
C ARG A 76 -10.37 -20.12 3.74
N ARG A 77 -9.48 -20.97 4.26
CA ARG A 77 -9.57 -21.39 5.66
CA ARG A 77 -9.54 -21.40 5.66
C ARG A 77 -9.37 -20.22 6.62
N GLN A 78 -8.32 -19.45 6.41
CA GLN A 78 -8.01 -18.30 7.26
CA GLN A 78 -8.01 -18.28 7.25
C GLN A 78 -9.15 -17.26 7.26
N MET A 79 -9.80 -17.07 6.11
CA MET A 79 -10.89 -16.10 6.00
C MET A 79 -12.13 -16.55 6.74
N GLU A 80 -12.38 -17.85 6.71
CA GLU A 80 -13.55 -18.42 7.37
C GLU A 80 -13.41 -18.42 8.90
N GLU A 81 -12.19 -18.65 9.37
CA GLU A 81 -12.02 -19.02 10.77
C GLU A 81 -11.66 -17.87 11.70
N LEU A 82 -10.64 -17.12 11.33
CA LEU A 82 -10.07 -16.18 12.26
C LEU A 82 -10.50 -14.75 12.02
N PRO A 83 -10.43 -13.92 13.08
CA PRO A 83 -10.48 -12.47 13.00
C PRO A 83 -9.29 -11.94 12.19
N PHE A 84 -9.28 -10.63 11.92
CA PHE A 84 -8.28 -10.06 11.04
C PHE A 84 -7.30 -9.18 11.77
N TYR A 85 -7.56 -9.01 13.07
CA TYR A 85 -6.53 -8.71 14.07
C TYR A 85 -6.98 -8.18 15.43
N ASN A 86 -7.62 -7.01 15.46
CA ASN A 86 -7.97 -6.31 16.72
C ASN A 86 -6.79 -6.17 17.70
N THR A 87 -7.08 -5.80 18.95
CA THR A 87 -6.06 -5.83 19.99
C THR A 87 -6.57 -6.23 21.37
N PHE A 88 -6.01 -5.49 22.32
CA PHE A 88 -4.93 -6.05 23.09
C PHE A 88 -4.93 -7.56 23.00
N PHE A 89 -3.80 -8.09 22.54
CA PHE A 89 -3.52 -9.51 22.49
C PHE A 89 -2.00 -9.49 22.47
N LYS A 90 -1.39 -9.87 23.60
CA LYS A 90 0.07 -9.91 23.74
C LYS A 90 0.77 -10.71 22.63
N THR A 91 0.00 -11.44 21.83
CA THR A 91 0.53 -12.31 20.78
C THR A 91 0.48 -11.72 19.35
N THR A 92 1.41 -12.18 18.52
CA THR A 92 1.35 -11.98 17.07
C THR A 92 0.50 -13.11 16.49
N HIS A 93 -0.32 -12.79 15.50
CA HIS A 93 -1.14 -13.76 14.77
C HIS A 93 -0.35 -14.99 14.40
N PRO A 94 -0.94 -16.20 14.60
CA PRO A 94 -0.21 -17.44 14.31
C PRO A 94 0.23 -17.59 12.84
N ALA A 95 -0.58 -17.12 11.90
CA ALA A 95 -0.22 -17.12 10.47
C ALA A 95 1.07 -16.32 10.20
N VAL A 96 1.21 -15.19 10.90
CA VAL A 96 2.39 -14.32 10.78
C VAL A 96 3.64 -14.92 11.46
N VAL A 97 3.52 -15.34 12.73
CA VAL A 97 4.61 -16.07 13.42
C VAL A 97 5.29 -17.13 12.52
N GLU A 98 4.45 -17.99 11.92
CA GLU A 98 4.90 -19.10 11.07
C GLU A 98 5.62 -18.62 9.81
N LEU A 99 5.00 -17.66 9.13
CA LEU A 99 5.66 -17.00 7.98
C LEU A 99 7.03 -16.44 8.37
N SER A 100 7.08 -15.65 9.44
CA SER A 100 8.34 -15.08 9.92
C SER A 100 9.40 -16.16 10.25
N SER A 101 8.97 -17.24 10.89
CA SER A 101 9.89 -18.31 11.25
CA SER A 101 9.88 -18.32 11.25
C SER A 101 10.50 -18.94 10.01
N LEU A 102 9.66 -19.25 9.03
CA LEU A 102 10.10 -19.83 7.77
C LEU A 102 11.04 -18.91 6.98
N LEU A 103 10.71 -17.61 6.91
CA LEU A 103 11.53 -16.67 6.16
C LEU A 103 12.97 -16.57 6.68
N ALA A 104 13.13 -16.56 8.01
CA ALA A 104 14.47 -16.58 8.63
C ALA A 104 15.34 -17.73 8.09
N GLU A 105 14.71 -18.86 7.77
CA GLU A 105 15.41 -20.02 7.22
CA GLU A 105 15.38 -20.02 7.20
C GLU A 105 15.86 -19.83 5.77
N VAL A 106 15.15 -19.01 5.00
CA VAL A 106 15.46 -18.85 3.56
C VAL A 106 16.19 -17.56 3.18
N THR A 107 16.15 -16.57 4.08
CA THR A 107 16.86 -15.30 3.86
C THR A 107 18.34 -15.43 4.21
N PRO A 108 19.19 -14.49 3.74
CA PRO A 108 20.61 -14.62 4.07
C PRO A 108 20.91 -14.42 5.56
N ALA A 109 22.17 -14.69 5.94
CA ALA A 109 22.65 -14.49 7.31
C ALA A 109 22.31 -13.08 7.81
N GLY A 110 21.73 -12.99 9.00
CA GLY A 110 21.55 -11.70 9.69
C GLY A 110 20.20 -10.99 9.55
N PHE A 111 19.32 -11.57 8.75
N PHE A 111 19.27 -11.53 8.76
CA PHE A 111 17.96 -11.05 8.62
CA PHE A 111 18.05 -10.78 8.36
C PHE A 111 17.05 -11.94 9.41
C PHE A 111 16.73 -11.20 9.04
N ASP A 112 16.70 -11.45 10.59
N ASP A 112 16.83 -11.52 10.33
CA ASP A 112 15.81 -12.14 11.52
CA ASP A 112 15.75 -12.17 11.09
C ASP A 112 14.76 -11.20 12.04
C ASP A 112 14.49 -11.31 11.35
N ARG A 113 14.69 -9.99 11.45
CA ARG A 113 13.61 -9.04 11.73
C ARG A 113 12.86 -8.63 10.45
N VAL A 114 11.54 -8.83 10.43
CA VAL A 114 10.74 -8.55 9.22
C VAL A 114 9.53 -7.65 9.57
N PHE A 115 9.30 -6.61 8.78
CA PHE A 115 8.16 -5.72 8.95
C PHE A 115 7.22 -5.91 7.76
N TYR A 116 5.96 -6.27 8.00
CA TYR A 116 5.01 -6.58 6.90
C TYR A 116 4.19 -5.37 6.49
N THR A 117 3.88 -5.29 5.18
CA THR A 117 3.03 -4.22 4.65
C THR A 117 2.07 -4.87 3.67
N ASN A 118 1.34 -4.05 2.93
CA ASN A 118 0.38 -4.58 1.94
C ASN A 118 0.86 -4.54 0.49
N SER A 119 2.07 -4.02 0.24
CA SER A 119 2.58 -3.89 -1.15
C SER A 119 4.04 -3.54 -1.15
N GLY A 120 4.68 -3.70 -2.30
CA GLY A 120 6.08 -3.27 -2.48
C GLY A 120 6.21 -1.76 -2.29
N SER A 121 5.19 -1.02 -2.75
CA SER A 121 5.21 0.46 -2.64
C SER A 121 5.21 0.86 -1.17
N GLU A 122 4.36 0.21 -0.37
CA GLU A 122 4.34 0.48 1.07
CA GLU A 122 4.34 0.45 1.08
C GLU A 122 5.64 0.04 1.73
N SER A 123 6.21 -1.10 1.30
CA SER A 123 7.48 -1.58 1.85
C SER A 123 8.59 -0.55 1.63
N VAL A 124 8.66 -0.03 0.43
CA VAL A 124 9.62 1.05 0.09
C VAL A 124 9.43 2.27 0.99
N ASP A 125 8.19 2.73 1.11
CA ASP A 125 7.89 3.86 1.97
C ASP A 125 8.31 3.62 3.45
N THR A 126 7.95 2.46 3.99
CA THR A 126 8.40 2.06 5.34
C THR A 126 9.92 2.03 5.45
N MET A 127 10.58 1.45 4.45
CA MET A 127 12.03 1.44 4.43
C MET A 127 12.63 2.85 4.54
N ILE A 128 12.05 3.80 3.80
CA ILE A 128 12.55 5.17 3.84
C ILE A 128 12.47 5.74 5.25
N ARG A 129 11.31 5.56 5.87
CA ARG A 129 11.10 5.98 7.27
CA ARG A 129 11.12 6.00 7.26
C ARG A 129 12.05 5.30 8.25
N MET A 130 12.33 4.01 8.03
CA MET A 130 13.24 3.25 8.89
C MET A 130 14.65 3.76 8.80
N VAL A 131 15.10 3.99 7.56
CA VAL A 131 16.44 4.46 7.27
C VAL A 131 16.64 5.81 7.97
N ARG A 132 15.63 6.67 7.86
CA ARG A 132 15.75 8.00 8.49
C ARG A 132 15.70 7.95 10.02
N ARG A 133 14.79 7.12 10.53
CA ARG A 133 14.69 6.89 11.97
CA ARG A 133 14.68 6.88 11.97
C ARG A 133 16.00 6.32 12.54
N TYR A 134 16.64 5.40 11.81
CA TYR A 134 17.87 4.76 12.28
C TYR A 134 18.94 5.81 12.57
N TRP A 135 19.15 6.71 11.60
CA TRP A 135 20.10 7.80 11.80
C TRP A 135 19.74 8.77 12.90
N ASP A 136 18.45 9.08 13.05
CA ASP A 136 17.92 9.90 14.16
CA ASP A 136 18.02 9.93 14.15
C ASP A 136 18.36 9.26 15.48
N VAL A 137 18.03 7.98 15.61
CA VAL A 137 18.40 7.19 16.80
C VAL A 137 19.91 7.16 17.10
N GLN A 138 20.73 7.11 16.04
CA GLN A 138 22.18 7.20 16.15
C GLN A 138 22.69 8.60 16.52
N GLY A 139 21.80 9.57 16.66
CA GLY A 139 22.15 10.96 16.99
C GLY A 139 22.71 11.74 15.80
N LYS A 140 22.34 11.30 14.59
CA LYS A 140 22.74 11.98 13.36
C LYS A 140 21.49 12.37 12.53
N PRO A 141 20.66 13.29 13.05
CA PRO A 141 19.40 13.62 12.41
C PRO A 141 19.52 14.30 11.05
N GLU A 142 20.70 14.77 10.67
CA GLU A 142 20.83 15.42 9.40
C GLU A 142 21.04 14.38 8.31
N LYS A 143 21.28 13.12 8.68
CA LYS A 143 21.57 12.05 7.69
C LYS A 143 20.23 11.50 7.20
N LYS A 144 19.66 12.20 6.22
CA LYS A 144 18.30 11.94 5.76
CA LYS A 144 18.32 11.88 5.77
C LYS A 144 18.18 11.69 4.24
N THR A 145 19.20 12.05 3.46
CA THR A 145 19.11 11.90 2.01
C THR A 145 19.29 10.45 1.57
N LEU A 146 18.33 9.97 0.76
CA LEU A 146 18.48 8.69 0.07
C LEU A 146 18.80 8.95 -1.40
N ILE A 147 19.66 8.11 -1.95
CA ILE A 147 20.12 8.25 -3.29
C ILE A 147 19.62 7.03 -4.06
N GLY A 148 18.87 7.29 -5.11
CA GLY A 148 18.49 6.25 -6.08
C GLY A 148 19.12 6.53 -7.44
N ARG A 149 18.48 6.00 -8.48
CA ARG A 149 19.03 6.06 -9.81
C ARG A 149 17.98 6.46 -10.87
N TRP A 150 18.41 7.19 -11.88
CA TRP A 150 17.55 7.50 -12.99
C TRP A 150 17.16 6.20 -13.62
N ASN A 151 15.88 6.02 -13.93
CA ASN A 151 15.36 4.75 -14.52
C ASN A 151 15.27 3.64 -13.48
N GLY A 152 15.50 3.96 -12.20
CA GLY A 152 15.16 3.01 -11.15
C GLY A 152 13.69 3.08 -10.87
N TYR A 153 13.10 2.03 -10.27
CA TYR A 153 11.70 2.04 -9.94
C TYR A 153 11.47 1.45 -8.57
N HIS A 154 10.75 2.17 -7.70
CA HIS A 154 10.55 1.72 -6.35
C HIS A 154 9.13 1.90 -5.89
N GLY A 155 8.19 1.77 -6.82
CA GLY A 155 6.78 1.88 -6.48
C GLY A 155 6.18 3.28 -6.63
N SER A 156 4.95 3.40 -6.15
CA SER A 156 4.13 4.54 -6.52
C SER A 156 3.72 5.44 -5.36
N THR A 157 4.25 5.19 -4.15
CA THR A 157 3.97 6.13 -3.05
C THR A 157 4.73 7.41 -3.33
N ILE A 158 4.41 8.47 -2.60
CA ILE A 158 5.14 9.74 -2.76
C ILE A 158 6.65 9.48 -2.49
N GLY A 159 6.94 8.78 -1.40
CA GLY A 159 8.31 8.38 -1.03
C GLY A 159 8.98 7.54 -2.11
N GLY A 160 8.34 6.44 -2.49
CA GLY A 160 8.84 5.58 -3.58
C GLY A 160 9.03 6.19 -4.96
N ALA A 161 8.08 7.02 -5.42
CA ALA A 161 8.18 7.70 -6.71
C ALA A 161 9.31 8.72 -6.69
N SER A 162 9.53 9.34 -5.53
CA SER A 162 10.64 10.28 -5.34
C SER A 162 12.01 9.57 -5.44
N LEU A 163 12.09 8.37 -4.89
CA LEU A 163 13.36 7.64 -4.80
C LEU A 163 13.68 6.97 -6.12
N GLY A 164 12.60 6.53 -6.78
CA GLY A 164 12.66 6.07 -8.18
C GLY A 164 13.06 7.20 -9.10
N GLY A 165 13.42 6.85 -10.32
CA GLY A 165 14.04 7.80 -11.22
C GLY A 165 13.31 7.88 -12.55
N MET A 166 12.00 7.73 -12.48
CA MET A 166 11.10 7.88 -13.66
C MET A 166 10.62 9.33 -13.69
N LYS A 167 11.05 10.07 -14.69
CA LYS A 167 10.77 11.52 -14.79
CA LYS A 167 10.77 11.51 -14.70
C LYS A 167 9.28 11.84 -14.83
N TYR A 168 8.53 10.96 -15.49
CA TYR A 168 7.09 11.13 -15.64
C TYR A 168 6.34 11.03 -14.29
N MET A 169 6.90 10.29 -13.34
CA MET A 169 6.33 10.14 -11.99
C MET A 169 6.66 11.33 -11.08
N HIS A 170 7.84 11.90 -11.29
CA HIS A 170 8.29 13.09 -10.57
C HIS A 170 7.41 14.30 -10.81
N GLU A 171 6.94 14.46 -12.04
CA GLU A 171 6.03 15.57 -12.42
C GLU A 171 4.70 15.52 -11.68
N GLN A 172 4.20 14.30 -11.45
CA GLN A 172 2.90 14.08 -10.78
C GLN A 172 3.07 14.12 -9.26
N GLY A 173 3.02 15.32 -8.70
CA GLY A 173 3.09 15.52 -7.24
C GLY A 173 4.25 16.36 -6.73
N ASP A 174 4.80 17.21 -7.60
CA ASP A 174 6.04 17.95 -7.32
CA ASP A 174 6.07 17.93 -7.36
C ASP A 174 7.10 17.15 -6.53
N LEU A 175 7.58 16.09 -7.16
CA LEU A 175 8.55 15.16 -6.61
C LEU A 175 9.87 15.42 -7.36
N PRO A 176 11.01 14.95 -6.80
CA PRO A 176 11.07 14.21 -5.56
C PRO A 176 10.86 15.11 -4.33
N ILE A 177 10.40 14.53 -3.24
CA ILE A 177 10.40 15.19 -1.93
C ILE A 177 11.87 15.48 -1.50
N PRO A 178 12.06 16.31 -0.48
CA PRO A 178 13.43 16.58 -0.01
C PRO A 178 14.19 15.34 0.50
N GLY A 179 15.51 15.41 0.44
CA GLY A 179 16.33 14.31 0.95
C GLY A 179 16.26 13.12 0.01
N MET A 180 16.20 13.40 -1.29
CA MET A 180 16.19 12.39 -2.37
C MET A 180 17.16 12.90 -3.44
N ALA A 181 18.02 12.03 -3.93
CA ALA A 181 19.00 12.39 -4.95
C ALA A 181 19.12 11.21 -5.90
N HIS A 182 19.69 11.46 -7.07
CA HIS A 182 19.78 10.42 -8.11
C HIS A 182 21.06 10.44 -8.84
N ILE A 183 21.53 9.23 -9.18
CA ILE A 183 22.68 9.10 -10.03
C ILE A 183 22.29 8.36 -11.31
N GLU A 184 23.09 8.50 -12.35
CA GLU A 184 22.85 7.79 -13.62
C GLU A 184 22.91 6.26 -13.39
N GLN A 185 22.15 5.53 -14.22
CA GLN A 185 22.03 4.07 -14.16
C GLN A 185 23.20 3.37 -14.87
N PRO A 186 23.57 2.17 -14.40
CA PRO A 186 24.69 1.43 -15.02
C PRO A 186 24.28 0.70 -16.31
N TRP A 187 23.83 1.47 -17.29
CA TRP A 187 23.45 0.98 -18.62
C TRP A 187 24.61 1.10 -19.59
N TRP A 188 25.34 0.01 -19.74
CA TRP A 188 26.61 0.00 -20.51
C TRP A 188 26.35 0.31 -21.98
N TYR A 189 25.30 -0.29 -22.53
CA TYR A 189 24.96 -0.06 -23.94
C TYR A 189 24.86 1.41 -24.34
N LYS A 190 24.35 2.25 -23.44
CA LYS A 190 24.18 3.68 -23.68
C LYS A 190 25.37 4.52 -23.19
N HIS A 191 25.84 4.25 -21.97
CA HIS A 191 26.85 5.12 -21.33
C HIS A 191 28.23 4.56 -21.25
N GLY A 192 28.40 3.32 -21.73
CA GLY A 192 29.65 2.58 -21.58
C GLY A 192 30.80 3.09 -22.44
N LYS A 193 30.49 3.96 -23.40
CA LYS A 193 31.48 4.61 -24.28
C LYS A 193 32.50 3.63 -24.88
N ASP A 194 33.78 3.93 -24.67
CA ASP A 194 34.88 3.11 -25.19
C ASP A 194 35.32 2.04 -24.19
N MET A 195 34.54 1.83 -23.14
CA MET A 195 34.91 0.92 -22.05
C MET A 195 34.40 -0.50 -22.25
N THR A 196 35.14 -1.45 -21.69
CA THR A 196 34.60 -2.79 -21.46
C THR A 196 33.46 -2.63 -20.43
N PRO A 197 32.51 -3.58 -20.41
CA PRO A 197 31.53 -3.56 -19.31
C PRO A 197 32.17 -3.42 -17.93
N ASP A 198 33.23 -4.20 -17.70
CA ASP A 198 33.88 -4.22 -16.39
C ASP A 198 34.50 -2.87 -15.99
N GLU A 199 35.08 -2.15 -16.94
CA GLU A 199 35.63 -0.83 -16.67
C GLU A 199 34.50 0.15 -16.40
N PHE A 200 33.44 0.05 -17.19
CA PHE A 200 32.25 0.85 -16.96
C PHE A 200 31.60 0.63 -15.57
N GLY A 201 31.60 -0.60 -15.07
CA GLY A 201 30.95 -0.92 -13.81
C GLY A 201 31.59 -0.13 -12.67
N VAL A 202 32.92 0.04 -12.74
CA VAL A 202 33.67 0.90 -11.80
C VAL A 202 33.28 2.37 -11.95
N VAL A 203 33.26 2.87 -13.18
CA VAL A 203 32.91 4.26 -13.47
C VAL A 203 31.49 4.58 -13.01
N ALA A 204 30.55 3.69 -13.35
CA ALA A 204 29.15 3.89 -12.98
C ALA A 204 28.93 3.80 -11.48
N ALA A 205 29.64 2.92 -10.78
CA ALA A 205 29.57 2.88 -9.32
C ALA A 205 30.18 4.14 -8.69
N ARG A 206 31.26 4.65 -9.29
CA ARG A 206 31.89 5.87 -8.77
C ARG A 206 31.00 7.12 -8.83
N TRP A 207 30.02 7.13 -9.73
CA TRP A 207 28.99 8.18 -9.71
C TRP A 207 28.35 8.33 -8.35
N LEU A 208 28.22 7.25 -7.60
CA LEU A 208 27.67 7.31 -6.25
C LEU A 208 28.57 8.10 -5.31
N GLU A 209 29.88 7.85 -5.43
CA GLU A 209 30.84 8.60 -4.60
C GLU A 209 30.78 10.10 -4.92
N GLU A 210 30.74 10.42 -6.21
CA GLU A 210 30.65 11.80 -6.66
C GLU A 210 29.41 12.51 -6.08
N LYS A 211 28.24 11.85 -6.18
CA LYS A 211 27.01 12.38 -5.58
C LYS A 211 27.10 12.55 -4.05
N ILE A 212 27.68 11.57 -3.33
CA ILE A 212 27.81 11.63 -1.87
C ILE A 212 28.63 12.85 -1.46
N LEU A 213 29.74 13.05 -2.16
CA LEU A 213 30.67 14.15 -1.88
C LEU A 213 30.05 15.48 -2.23
N GLU A 214 29.24 15.50 -3.27
CA GLU A 214 28.51 16.70 -3.66
C GLU A 214 27.49 17.11 -2.56
N ILE A 215 26.73 16.15 -2.08
CA ILE A 215 25.71 16.41 -1.05
C ILE A 215 26.35 16.61 0.33
N GLY A 216 27.38 15.84 0.60
CA GLY A 216 28.01 15.72 1.93
C GLY A 216 27.57 14.42 2.59
N ALA A 217 28.54 13.55 2.92
CA ALA A 217 28.28 12.21 3.50
C ALA A 217 27.43 12.30 4.79
N ASP A 218 27.65 13.35 5.59
CA ASP A 218 26.86 13.52 6.78
C ASP A 218 25.41 13.93 6.57
N LYS A 219 25.00 14.15 5.32
CA LYS A 219 23.58 14.35 5.05
C LYS A 219 22.99 13.13 4.33
N VAL A 220 23.80 12.10 4.05
CA VAL A 220 23.34 10.94 3.25
C VAL A 220 23.02 9.74 4.16
N ALA A 221 21.80 9.24 4.03
CA ALA A 221 21.31 8.12 4.84
C ALA A 221 21.53 6.75 4.20
N ALA A 222 21.28 6.66 2.89
CA ALA A 222 21.30 5.35 2.21
C ALA A 222 21.39 5.48 0.71
N PHE A 223 21.95 4.45 0.08
CA PHE A 223 21.81 4.25 -1.35
C PHE A 223 20.83 3.08 -1.50
N VAL A 224 19.88 3.22 -2.43
CA VAL A 224 18.89 2.15 -2.66
C VAL A 224 18.92 1.72 -4.16
N GLY A 225 19.01 0.43 -4.42
CA GLY A 225 19.00 -0.06 -5.82
C GLY A 225 18.37 -1.43 -5.94
N GLU A 226 17.60 -1.63 -7.03
CA GLU A 226 17.25 -2.97 -7.47
C GLU A 226 18.50 -3.63 -8.03
N PRO A 227 18.76 -4.89 -7.62
CA PRO A 227 19.98 -5.57 -8.13
C PRO A 227 20.04 -5.56 -9.66
N ILE A 228 18.90 -5.89 -10.31
CA ILE A 228 18.71 -5.66 -11.72
C ILE A 228 17.49 -4.74 -11.82
N GLN A 229 17.62 -3.62 -12.52
CA GLN A 229 16.49 -2.70 -12.70
C GLN A 229 15.39 -3.38 -13.54
N GLY A 230 14.18 -3.51 -12.99
CA GLY A 230 13.10 -4.29 -13.61
C GLY A 230 12.27 -3.47 -14.57
N ALA A 231 11.41 -2.61 -14.03
CA ALA A 231 10.59 -1.68 -14.85
C ALA A 231 11.41 -0.83 -15.84
N GLY A 232 12.66 -0.52 -15.48
CA GLY A 232 13.58 0.23 -16.34
C GLY A 232 14.06 -0.59 -17.54
N GLY A 233 13.81 -1.92 -17.56
CA GLY A 233 14.14 -2.73 -18.75
C GLY A 233 15.17 -3.86 -18.58
N VAL A 234 15.27 -4.40 -17.36
CA VAL A 234 16.19 -5.49 -17.02
C VAL A 234 17.63 -5.04 -17.30
N ILE A 235 18.01 -3.92 -16.69
CA ILE A 235 19.37 -3.39 -16.85
C ILE A 235 20.28 -4.17 -15.91
N VAL A 236 21.14 -4.97 -16.51
CA VAL A 236 21.94 -5.91 -15.75
C VAL A 236 23.28 -5.23 -15.60
N PRO A 237 23.67 -4.92 -14.35
CA PRO A 237 24.91 -4.14 -14.22
C PRO A 237 26.13 -5.02 -14.46
N PRO A 238 27.28 -4.41 -14.86
CA PRO A 238 28.54 -5.16 -14.97
C PRO A 238 28.92 -5.82 -13.65
N ALA A 239 29.68 -6.92 -13.72
CA ALA A 239 30.11 -7.66 -12.53
C ALA A 239 30.89 -6.79 -11.49
N THR A 240 31.57 -5.76 -11.96
CA THR A 240 32.33 -4.88 -11.06
C THR A 240 31.49 -3.82 -10.34
N TYR A 241 30.24 -3.62 -10.77
CA TYR A 241 29.37 -2.57 -10.22
C TYR A 241 29.04 -2.67 -8.74
N TRP A 242 28.29 -3.71 -8.35
CA TRP A 242 27.81 -3.83 -6.99
C TRP A 242 28.91 -3.88 -5.91
N PRO A 243 30.01 -4.60 -6.17
CA PRO A 243 31.12 -4.53 -5.18
C PRO A 243 31.63 -3.09 -4.98
N GLU A 244 31.72 -2.30 -6.05
CA GLU A 244 32.18 -0.90 -5.97
C GLU A 244 31.17 -0.02 -5.25
N ILE A 245 29.87 -0.18 -5.58
CA ILE A 245 28.82 0.44 -4.77
C ILE A 245 28.91 0.15 -3.27
N GLU A 246 29.08 -1.13 -2.91
CA GLU A 246 29.17 -1.50 -1.54
C GLU A 246 30.39 -0.86 -0.82
N ARG A 247 31.54 -0.95 -1.46
CA ARG A 247 32.79 -0.32 -0.97
C ARG A 247 32.55 1.18 -0.65
N ILE A 248 31.96 1.88 -1.62
CA ILE A 248 31.63 3.30 -1.49
C ILE A 248 30.67 3.57 -0.33
N CYS A 249 29.58 2.80 -0.23
CA CYS A 249 28.66 2.93 0.91
C CYS A 249 29.36 2.79 2.26
N ARG A 250 30.23 1.79 2.41
CA ARG A 250 30.94 1.61 3.67
C ARG A 250 31.93 2.74 3.92
N LYS A 251 32.64 3.18 2.88
CA LYS A 251 33.59 4.30 3.01
C LYS A 251 32.95 5.54 3.61
N TYR A 252 31.71 5.84 3.19
CA TYR A 252 31.01 7.03 3.68
C TYR A 252 29.95 6.86 4.78
N ASP A 253 29.88 5.67 5.39
CA ASP A 253 28.92 5.38 6.47
C ASP A 253 27.48 5.65 6.00
N VAL A 254 27.18 5.09 4.83
CA VAL A 254 25.88 5.21 4.21
C VAL A 254 25.29 3.80 4.16
N LEU A 255 24.01 3.67 4.51
CA LEU A 255 23.34 2.34 4.48
C LEU A 255 23.10 1.89 3.02
N LEU A 256 23.10 0.57 2.81
CA LEU A 256 22.92 -0.02 1.48
C LEU A 256 21.61 -0.81 1.52
N VAL A 257 20.71 -0.51 0.60
CA VAL A 257 19.38 -1.13 0.62
C VAL A 257 19.17 -1.76 -0.79
N ALA A 258 18.76 -3.03 -0.81
CA ALA A 258 18.37 -3.67 -2.08
C ALA A 258 16.87 -3.65 -2.18
N ASP A 259 16.37 -3.32 -3.37
CA ASP A 259 14.95 -3.45 -3.63
C ASP A 259 14.78 -4.75 -4.42
N GLU A 260 14.30 -5.77 -3.72
CA GLU A 260 14.18 -7.15 -4.25
C GLU A 260 12.77 -7.46 -4.72
N VAL A 261 11.96 -6.43 -4.94
CA VAL A 261 10.54 -6.62 -5.27
C VAL A 261 10.36 -7.47 -6.55
N ILE A 262 11.28 -7.32 -7.51
CA ILE A 262 11.32 -8.20 -8.70
C ILE A 262 12.34 -9.35 -8.59
N CYS A 263 13.51 -9.03 -8.04
CA CYS A 263 14.63 -9.97 -8.08
C CYS A 263 14.61 -11.00 -6.97
N GLY A 264 13.74 -10.85 -5.96
CA GLY A 264 13.77 -11.77 -4.83
C GLY A 264 13.03 -13.07 -5.13
N PHE A 265 13.06 -13.98 -4.15
CA PHE A 265 12.31 -15.24 -4.19
C PHE A 265 12.58 -16.06 -5.46
N GLY A 266 13.87 -16.15 -5.75
CA GLY A 266 14.41 -17.09 -6.76
C GLY A 266 14.54 -16.60 -8.18
N ARG A 267 14.22 -15.33 -8.45
CA ARG A 267 14.23 -14.84 -9.84
C ARG A 267 15.59 -14.96 -10.56
N THR A 268 16.70 -14.75 -9.84
CA THR A 268 18.05 -14.80 -10.45
C THR A 268 18.71 -16.19 -10.32
N GLY A 269 18.03 -17.09 -9.64
CA GLY A 269 18.58 -18.41 -9.28
C GLY A 269 18.98 -18.49 -7.81
N GLU A 270 19.38 -17.35 -7.25
CA GLU A 270 19.59 -17.26 -5.81
C GLU A 270 18.26 -16.87 -5.20
N TRP A 271 18.13 -17.00 -3.89
CA TRP A 271 16.88 -16.56 -3.25
C TRP A 271 16.67 -15.07 -3.45
N PHE A 272 17.76 -14.30 -3.43
CA PHE A 272 17.68 -12.84 -3.58
C PHE A 272 18.73 -12.31 -4.52
N GLY A 273 18.37 -11.25 -5.25
CA GLY A 273 19.24 -10.72 -6.28
C GLY A 273 20.57 -10.26 -5.75
N HIS A 274 20.57 -9.69 -4.54
CA HIS A 274 21.85 -9.22 -3.96
C HIS A 274 22.84 -10.36 -3.73
N GLN A 275 22.31 -11.55 -3.46
CA GLN A 275 23.14 -12.76 -3.31
C GLN A 275 23.83 -13.12 -4.62
N HIS A 276 23.13 -12.96 -5.73
CA HIS A 276 23.73 -13.25 -7.00
C HIS A 276 24.88 -12.31 -7.32
N PHE A 277 24.71 -11.01 -7.05
CA PHE A 277 25.75 -10.02 -7.38
C PHE A 277 26.82 -9.87 -6.29
N GLY A 278 26.55 -10.47 -5.15
CA GLY A 278 27.56 -10.59 -4.10
C GLY A 278 27.71 -9.37 -3.21
N PHE A 279 26.65 -8.57 -3.07
CA PHE A 279 26.68 -7.50 -2.07
C PHE A 279 25.78 -7.79 -0.88
N GLN A 280 26.04 -7.08 0.23
CA GLN A 280 25.37 -7.30 1.49
C GLN A 280 24.59 -6.05 1.94
N PRO A 281 23.27 -5.98 1.62
CA PRO A 281 22.53 -4.78 2.00
C PRO A 281 22.24 -4.76 3.48
N ASP A 282 22.09 -3.56 4.02
CA ASP A 282 21.62 -3.43 5.41
C ASP A 282 20.11 -3.68 5.63
N LEU A 283 19.33 -3.55 4.56
CA LEU A 283 17.89 -3.81 4.57
C LEU A 283 17.54 -4.16 3.14
N PHE A 284 16.45 -4.87 2.97
CA PHE A 284 15.93 -5.08 1.63
C PHE A 284 14.40 -5.19 1.64
N THR A 285 13.80 -4.79 0.53
CA THR A 285 12.34 -4.72 0.43
C THR A 285 11.86 -5.79 -0.53
N ALA A 286 10.71 -6.37 -0.25
CA ALA A 286 10.11 -7.39 -1.14
C ALA A 286 8.61 -7.13 -1.17
N ALA A 287 7.91 -7.72 -2.14
CA ALA A 287 6.48 -7.53 -2.19
C ALA A 287 5.76 -8.82 -2.50
N LYS A 288 5.03 -8.88 -3.63
CA LYS A 288 4.20 -10.07 -3.90
C LYS A 288 4.99 -11.36 -4.20
N GLY A 289 6.31 -11.25 -4.28
CA GLY A 289 7.16 -12.45 -4.27
C GLY A 289 6.86 -13.38 -3.12
N LEU A 290 6.49 -12.79 -1.97
CA LEU A 290 6.11 -13.52 -0.76
C LEU A 290 4.96 -14.49 -1.01
N SER A 291 4.03 -14.07 -1.87
CA SER A 291 2.79 -14.77 -2.11
C SER A 291 2.67 -15.30 -3.55
N SER A 292 3.76 -15.26 -4.30
CA SER A 292 3.73 -15.47 -5.74
C SER A 292 2.60 -14.72 -6.43
N GLY A 293 2.28 -13.53 -5.95
CA GLY A 293 1.34 -12.67 -6.65
C GLY A 293 -0.13 -12.99 -6.39
N TYR A 294 -0.41 -14.00 -5.56
CA TYR A 294 -1.78 -14.44 -5.29
C TYR A 294 -2.57 -13.48 -4.44
N LEU A 295 -1.90 -12.77 -3.53
CA LEU A 295 -2.54 -11.73 -2.70
C LEU A 295 -1.53 -10.66 -2.42
N PRO A 296 -2.01 -9.45 -2.12
CA PRO A 296 -1.10 -8.33 -1.90
C PRO A 296 -0.41 -8.42 -0.55
N ILE A 297 0.90 -8.20 -0.55
CA ILE A 297 1.65 -8.26 0.68
C ILE A 297 2.99 -7.64 0.32
N GLY A 298 3.68 -7.09 1.32
CA GLY A 298 5.06 -6.70 1.12
C GLY A 298 5.80 -6.85 2.44
N ALA A 299 7.11 -6.66 2.40
CA ALA A 299 7.91 -6.72 3.62
C ALA A 299 9.19 -5.93 3.52
N VAL A 300 9.66 -5.49 4.69
CA VAL A 300 10.99 -4.94 4.79
C VAL A 300 11.77 -5.90 5.69
N PHE A 301 12.87 -6.39 5.17
CA PHE A 301 13.75 -7.31 5.88
C PHE A 301 14.91 -6.44 6.42
N VAL A 302 15.10 -6.48 7.73
CA VAL A 302 16.02 -5.56 8.38
C VAL A 302 17.17 -6.36 8.96
N GLY A 303 18.40 -6.04 8.53
CA GLY A 303 19.62 -6.69 8.99
C GLY A 303 19.90 -6.34 10.44
N LYS A 304 20.89 -7.01 11.01
CA LYS A 304 21.15 -6.92 12.45
C LYS A 304 21.51 -5.51 12.91
N ARG A 305 22.42 -4.86 12.19
CA ARG A 305 22.85 -3.50 12.58
C ARG A 305 21.68 -2.53 12.70
N VAL A 306 20.83 -2.49 11.67
CA VAL A 306 19.75 -1.52 11.66
C VAL A 306 18.66 -1.96 12.64
N ALA A 307 18.42 -3.28 12.72
CA ALA A 307 17.34 -3.76 13.60
C ALA A 307 17.63 -3.34 15.05
N GLU A 308 18.85 -3.61 15.48
CA GLU A 308 19.31 -3.23 16.83
C GLU A 308 19.17 -1.73 17.07
N GLY A 309 19.42 -0.95 16.02
CA GLY A 309 19.26 0.49 16.06
C GLY A 309 17.86 0.98 16.30
N LEU A 310 16.90 0.38 15.56
CA LEU A 310 15.51 0.81 15.57
C LEU A 310 14.80 0.43 16.86
N ILE A 311 15.08 -0.78 17.33
CA ILE A 311 14.47 -1.30 18.54
C ILE A 311 14.95 -0.49 19.75
N ALA A 312 16.23 -0.11 19.74
CA ALA A 312 16.81 0.70 20.81
C ALA A 312 16.09 2.04 21.01
N GLY A 313 15.52 2.58 19.93
CA GLY A 313 14.73 3.80 20.04
C GLY A 313 13.28 3.48 20.40
N GLY A 314 12.98 2.18 20.50
CA GLY A 314 11.62 1.69 20.68
C GLY A 314 10.76 1.90 19.44
N ASP A 315 11.42 1.97 18.28
CA ASP A 315 10.71 2.34 17.05
CA ASP A 315 10.75 2.33 17.02
C ASP A 315 10.35 1.14 16.17
N PHE A 316 9.21 1.28 15.47
CA PHE A 316 8.66 0.25 14.56
C PHE A 316 8.31 -1.06 15.28
N ASN A 317 8.30 -0.98 16.61
CA ASN A 317 8.11 -2.18 17.41
CA ASN A 317 8.09 -2.14 17.49
C ASN A 317 6.69 -2.75 17.35
N HIS A 318 5.70 -1.88 17.14
CA HIS A 318 4.30 -2.27 16.93
C HIS A 318 4.08 -2.88 15.57
N GLY A 319 4.83 -2.36 14.59
CA GLY A 319 4.82 -2.90 13.25
C GLY A 319 5.47 -4.28 13.21
N PHE A 320 6.65 -4.40 13.83
CA PHE A 320 7.37 -5.69 13.89
C PHE A 320 6.53 -6.78 14.56
N THR A 321 5.73 -6.37 15.56
CA THR A 321 4.91 -7.29 16.35
C THR A 321 3.54 -7.59 15.72
N TYR A 322 2.89 -6.56 15.14
CA TYR A 322 1.50 -6.70 14.67
C TYR A 322 1.27 -6.58 13.15
N SER A 323 2.32 -6.31 12.39
CA SER A 323 2.22 -6.19 10.92
C SER A 323 1.93 -7.54 10.26
N GLY A 324 1.12 -7.51 9.21
CA GLY A 324 0.81 -8.69 8.41
C GLY A 324 -0.67 -9.05 8.40
N HIS A 325 -1.34 -8.84 7.26
CA HIS A 325 -2.72 -9.32 7.09
C HIS A 325 -2.61 -10.81 7.11
N PRO A 326 -3.30 -11.46 8.05
CA PRO A 326 -3.16 -12.88 8.34
C PRO A 326 -3.57 -13.77 7.16
N VAL A 327 -4.56 -13.34 6.39
CA VAL A 327 -4.98 -14.13 5.20
C VAL A 327 -3.82 -14.14 4.20
N CYS A 328 -3.25 -12.97 3.96
CA CYS A 328 -2.13 -12.87 3.03
C CYS A 328 -0.87 -13.58 3.57
N ALA A 329 -0.66 -13.52 4.88
CA ALA A 329 0.44 -14.22 5.53
C ALA A 329 0.31 -15.73 5.41
N ALA A 330 -0.94 -16.23 5.49
CA ALA A 330 -1.21 -17.66 5.32
C ALA A 330 -0.82 -18.12 3.91
N VAL A 331 -1.14 -17.30 2.91
CA VAL A 331 -0.84 -17.65 1.51
C VAL A 331 0.66 -17.51 1.29
N ALA A 332 1.23 -16.45 1.84
CA ALA A 332 2.66 -16.26 1.75
C ALA A 332 3.43 -17.46 2.35
N HIS A 333 2.94 -17.98 3.48
CA HIS A 333 3.58 -19.13 4.12
C HIS A 333 3.52 -20.35 3.25
N ALA A 334 2.35 -20.62 2.66
CA ALA A 334 2.22 -21.75 1.73
C ALA A 334 3.14 -21.58 0.54
N ASN A 335 3.31 -20.34 0.08
CA ASN A 335 4.15 -20.08 -1.08
C ASN A 335 5.64 -20.34 -0.82
N VAL A 336 6.15 -19.80 0.28
CA VAL A 336 7.57 -19.88 0.59
C VAL A 336 7.95 -21.34 0.88
N ALA A 337 7.09 -22.03 1.63
CA ALA A 337 7.18 -23.48 1.84
C ALA A 337 7.29 -24.23 0.50
N ALA A 338 6.42 -23.87 -0.46
CA ALA A 338 6.44 -24.51 -1.78
C ALA A 338 7.74 -24.26 -2.53
N LEU A 339 8.22 -23.01 -2.51
CA LEU A 339 9.44 -22.63 -3.17
C LEU A 339 10.62 -23.40 -2.62
N ARG A 340 10.63 -23.62 -1.30
CA ARG A 340 11.67 -24.45 -0.70
C ARG A 340 11.43 -25.96 -0.93
N ASP A 341 10.31 -26.46 -0.40
CA ASP A 341 10.01 -27.91 -0.38
C ASP A 341 9.88 -28.55 -1.77
N GLU A 342 9.40 -27.79 -2.75
CA GLU A 342 9.32 -28.30 -4.13
C GLU A 342 10.60 -28.04 -4.91
N GLY A 343 11.59 -27.42 -4.28
CA GLY A 343 12.87 -27.16 -4.94
C GLY A 343 12.85 -26.18 -6.11
N ILE A 344 11.85 -25.30 -6.15
CA ILE A 344 11.64 -24.34 -7.28
C ILE A 344 12.81 -23.37 -7.41
N VAL A 345 13.25 -22.79 -6.29
CA VAL A 345 14.41 -21.90 -6.30
C VAL A 345 15.70 -22.65 -6.73
N GLN A 346 15.95 -23.82 -6.15
CA GLN A 346 17.16 -24.60 -6.51
C GLN A 346 17.13 -24.98 -8.00
N ARG A 347 15.93 -25.27 -8.49
CA ARG A 347 15.73 -25.64 -9.89
C ARG A 347 16.03 -24.48 -10.85
N VAL A 348 15.82 -23.24 -10.41
CA VAL A 348 16.27 -22.13 -11.25
C VAL A 348 17.78 -22.08 -11.31
N LYS A 349 18.46 -22.22 -10.17
CA LYS A 349 19.94 -22.12 -10.14
C LYS A 349 20.62 -23.21 -11.02
N ASP A 350 20.14 -24.45 -10.87
CA ASP A 350 20.79 -25.64 -11.46
C ASP A 350 20.31 -26.09 -12.83
N ASP A 351 19.03 -25.85 -13.14
CA ASP A 351 18.38 -26.49 -14.27
CA ASP A 351 18.39 -26.49 -14.29
C ASP A 351 17.77 -25.50 -15.27
N ILE A 352 16.62 -24.94 -14.92
CA ILE A 352 15.88 -24.10 -15.87
C ILE A 352 16.56 -22.76 -16.16
N GLY A 353 17.22 -22.20 -15.16
CA GLY A 353 17.94 -20.93 -15.34
C GLY A 353 19.00 -21.03 -16.42
N PRO A 354 19.96 -21.97 -16.26
CA PRO A 354 20.96 -22.19 -17.31
C PRO A 354 20.34 -22.53 -18.65
N TYR A 355 19.32 -23.39 -18.66
CA TYR A 355 18.63 -23.71 -19.91
C TYR A 355 18.03 -22.46 -20.54
N MET A 356 17.30 -21.67 -19.75
CA MET A 356 16.71 -20.43 -20.29
C MET A 356 17.75 -19.50 -20.89
N GLN A 357 18.84 -19.29 -20.17
CA GLN A 357 19.81 -18.27 -20.54
C GLN A 357 20.49 -18.63 -21.84
N LYS A 358 20.82 -19.92 -21.97
CA LYS A 358 21.39 -20.48 -23.17
C LYS A 358 20.40 -20.36 -24.33
N ARG A 359 19.19 -20.91 -24.14
CA ARG A 359 18.16 -20.84 -25.20
C ARG A 359 17.74 -19.39 -25.60
N TRP A 360 17.72 -18.48 -24.63
CA TRP A 360 17.43 -17.06 -24.90
C TRP A 360 18.42 -16.44 -25.85
N ARG A 361 19.70 -16.63 -25.57
CA ARG A 361 20.79 -16.06 -26.38
C ARG A 361 20.91 -16.76 -27.75
N GLU A 362 20.70 -18.07 -27.77
CA GLU A 362 20.58 -18.81 -29.04
C GLU A 362 19.53 -18.27 -29.98
N THR A 363 18.32 -18.01 -29.44
CA THR A 363 17.20 -17.53 -30.23
C THR A 363 17.35 -16.12 -30.78
N PHE A 364 17.79 -15.18 -29.94
CA PHE A 364 17.63 -13.76 -30.27
C PHE A 364 18.87 -13.10 -30.84
N SER A 365 20.03 -13.67 -30.51
CA SER A 365 21.33 -13.03 -30.83
C SER A 365 21.53 -12.77 -32.32
N ARG A 366 20.86 -13.56 -33.16
CA ARG A 366 21.12 -13.43 -34.60
CA ARG A 366 20.90 -13.56 -34.64
C ARG A 366 20.38 -12.30 -35.31
N PHE A 367 19.34 -11.73 -34.73
CA PHE A 367 18.56 -10.76 -35.43
C PHE A 367 19.24 -9.40 -35.60
N GLU A 368 19.00 -8.77 -36.75
CA GLU A 368 19.72 -7.57 -37.14
C GLU A 368 19.48 -6.36 -36.23
N HIS A 369 18.24 -6.23 -35.76
CA HIS A 369 17.90 -5.12 -34.89
C HIS A 369 17.69 -5.53 -33.45
N VAL A 370 18.35 -6.63 -33.06
CA VAL A 370 18.38 -7.10 -31.67
C VAL A 370 19.80 -7.06 -31.12
N ASP A 371 20.01 -6.36 -30.00
CA ASP A 371 21.33 -6.32 -29.41
C ASP A 371 21.22 -6.35 -27.88
N ASP A 372 22.35 -6.50 -27.21
CA ASP A 372 22.46 -6.53 -25.76
C ASP A 372 21.58 -7.64 -25.17
N VAL A 373 21.64 -8.83 -25.77
CA VAL A 373 20.91 -9.96 -25.24
C VAL A 373 21.48 -10.34 -23.90
N ARG A 374 20.61 -10.49 -22.89
CA ARG A 374 21.07 -10.48 -21.49
C ARG A 374 20.11 -11.24 -20.60
N GLY A 375 20.56 -11.55 -19.39
CA GLY A 375 19.72 -12.17 -18.39
C GLY A 375 20.50 -13.04 -17.44
N VAL A 376 19.85 -13.34 -16.31
CA VAL A 376 20.36 -14.26 -15.30
CA VAL A 376 20.36 -14.20 -15.25
C VAL A 376 19.20 -15.02 -14.69
N GLY A 377 19.36 -16.33 -14.51
CA GLY A 377 18.32 -17.11 -13.85
C GLY A 377 17.08 -17.18 -14.71
N MET A 378 16.00 -16.54 -14.26
CA MET A 378 14.74 -16.51 -15.02
C MET A 378 14.27 -15.09 -15.34
N VAL A 379 15.21 -14.15 -15.35
CA VAL A 379 14.92 -12.82 -15.92
C VAL A 379 15.88 -12.53 -17.08
N GLN A 380 15.33 -12.15 -18.22
CA GLN A 380 16.13 -11.98 -19.44
C GLN A 380 15.51 -10.90 -20.33
N ALA A 381 16.31 -10.35 -21.25
CA ALA A 381 15.92 -9.21 -22.02
C ALA A 381 16.78 -9.05 -23.26
N PHE A 382 16.37 -8.15 -24.13
CA PHE A 382 17.23 -7.63 -25.19
C PHE A 382 16.70 -6.25 -25.51
N THR A 383 17.43 -5.53 -26.36
CA THR A 383 17.04 -4.21 -26.76
C THR A 383 16.88 -4.20 -28.27
N LEU A 384 15.78 -3.64 -28.75
CA LEU A 384 15.63 -3.37 -30.17
C LEU A 384 16.44 -2.13 -30.52
N VAL A 385 17.31 -2.25 -31.51
CA VAL A 385 18.23 -1.14 -31.90
C VAL A 385 18.17 -0.81 -33.39
N LYS A 386 18.43 0.46 -33.70
CA LYS A 386 18.50 0.96 -35.08
C LYS A 386 19.64 0.31 -35.86
N ASN A 387 20.80 0.27 -35.23
CA ASN A 387 21.98 -0.20 -35.90
C ASN A 387 22.91 -0.80 -34.87
N LYS A 388 23.14 -2.09 -34.99
CA LYS A 388 24.06 -2.82 -34.11
C LYS A 388 25.51 -2.40 -34.26
N ALA A 389 25.90 -2.04 -35.49
CA ALA A 389 27.28 -1.61 -35.75
C ALA A 389 27.60 -0.41 -34.88
N LYS A 390 26.77 0.62 -35.00
CA LYS A 390 26.95 1.90 -34.30
C LYS A 390 26.43 1.90 -32.86
N ARG A 391 25.81 0.80 -32.44
CA ARG A 391 25.14 0.73 -31.13
CA ARG A 391 25.11 0.72 -31.14
C ARG A 391 24.13 1.88 -31.01
N GLU A 392 23.36 2.09 -32.07
CA GLU A 392 22.48 3.21 -32.17
C GLU A 392 21.04 2.83 -31.84
N LEU A 393 20.43 3.60 -30.95
CA LEU A 393 19.04 3.34 -30.54
C LEU A 393 18.06 3.94 -31.52
N PHE A 394 16.84 3.42 -31.52
CA PHE A 394 15.77 4.03 -32.24
C PHE A 394 15.39 5.36 -31.60
N PRO A 395 14.90 6.32 -32.41
CA PRO A 395 14.40 7.57 -31.87
C PRO A 395 13.04 7.32 -31.22
N ASP A 396 12.58 8.26 -30.41
CA ASP A 396 11.30 8.13 -29.69
C ASP A 396 11.25 6.77 -29.00
N PHE A 397 12.32 6.52 -28.23
CA PHE A 397 12.51 5.30 -27.46
C PHE A 397 11.18 4.83 -26.91
N GLY A 398 10.79 3.62 -27.30
CA GLY A 398 9.50 3.07 -26.92
C GLY A 398 8.58 2.73 -28.09
N GLU A 399 8.67 3.50 -29.19
CA GLU A 399 7.79 3.31 -30.35
C GLU A 399 7.96 1.94 -30.99
N ILE A 400 9.22 1.59 -31.29
CA ILE A 400 9.59 0.28 -31.82
C ILE A 400 9.32 -0.88 -30.84
N GLY A 401 9.56 -0.67 -29.54
CA GLY A 401 9.23 -1.68 -28.53
C GLY A 401 7.75 -2.02 -28.53
N THR A 402 6.93 -1.00 -28.68
CA THR A 402 5.48 -1.18 -28.71
C THR A 402 5.07 -2.03 -29.90
N LEU A 403 5.72 -1.80 -31.04
CA LEU A 403 5.43 -2.52 -32.27
C LEU A 403 5.74 -4.01 -32.11
N CYS A 404 6.88 -4.31 -31.51
CA CYS A 404 7.30 -5.70 -31.29
C CYS A 404 6.38 -6.40 -30.31
N ARG A 405 6.06 -5.71 -29.21
CA ARG A 405 5.12 -6.20 -28.19
CA ARG A 405 5.14 -6.24 -28.21
C ARG A 405 3.76 -6.55 -28.82
N ASP A 406 3.27 -5.65 -29.67
CA ASP A 406 2.02 -5.86 -30.39
C ASP A 406 2.05 -7.10 -31.28
N ILE A 407 3.16 -7.32 -31.98
CA ILE A 407 3.33 -8.56 -32.76
C ILE A 407 3.23 -9.76 -31.83
N PHE A 408 3.93 -9.72 -30.68
CA PHE A 408 3.92 -10.85 -29.74
C PHE A 408 2.50 -11.22 -29.34
N PHE A 409 1.73 -10.19 -28.99
CA PHE A 409 0.38 -10.41 -28.47
C PHE A 409 -0.58 -10.99 -29.52
N ARG A 410 -0.53 -10.46 -30.74
CA ARG A 410 -1.22 -11.05 -31.91
C ARG A 410 -0.86 -12.51 -32.08
N ASN A 411 0.34 -12.88 -31.64
CA ASN A 411 0.75 -14.28 -31.68
C ASN A 411 0.58 -15.04 -30.34
N ASN A 412 -0.23 -14.50 -29.44
CA ASN A 412 -0.59 -15.17 -28.18
C ASN A 412 0.59 -15.32 -27.21
N LEU A 413 1.45 -14.31 -27.19
CA LEU A 413 2.62 -14.31 -26.28
C LEU A 413 2.68 -12.97 -25.61
N ILE A 414 2.87 -12.96 -24.29
CA ILE A 414 3.09 -11.71 -23.57
C ILE A 414 4.51 -11.60 -23.04
N MET A 415 5.19 -10.56 -23.50
CA MET A 415 6.41 -10.11 -22.87
C MET A 415 6.22 -8.60 -22.67
N ARG A 416 7.07 -8.00 -21.82
CA ARG A 416 6.93 -6.61 -21.40
CA ARG A 416 6.90 -6.62 -21.43
C ARG A 416 7.82 -5.75 -22.28
N ALA A 417 7.30 -4.64 -22.78
CA ALA A 417 8.13 -3.68 -23.49
C ALA A 417 8.43 -2.46 -22.60
N CYS A 418 9.70 -2.23 -22.32
CA CYS A 418 10.09 -1.13 -21.46
C CYS A 418 10.93 -0.22 -22.33
N GLY A 419 10.31 0.82 -22.89
CA GLY A 419 11.00 1.57 -23.96
C GLY A 419 11.19 0.54 -25.07
N ASP A 420 12.38 0.46 -25.65
CA ASP A 420 12.72 -0.55 -26.68
C ASP A 420 13.38 -1.83 -26.13
N HIS A 421 13.42 -1.97 -24.80
CA HIS A 421 13.81 -3.22 -24.15
C HIS A 421 12.66 -4.16 -24.18
N ILE A 422 12.92 -5.39 -24.56
CA ILE A 422 11.92 -6.43 -24.44
C ILE A 422 12.36 -7.31 -23.30
N VAL A 423 11.45 -7.50 -22.34
CA VAL A 423 11.80 -8.22 -21.13
CA VAL A 423 11.72 -8.13 -21.06
C VAL A 423 10.85 -9.37 -20.89
N SER A 424 11.42 -10.42 -20.31
CA SER A 424 10.69 -11.62 -19.97
C SER A 424 11.05 -12.07 -18.56
N ALA A 425 10.02 -12.46 -17.81
CA ALA A 425 10.22 -13.05 -16.50
C ALA A 425 9.08 -14.01 -16.24
N PRO A 426 9.15 -15.24 -16.79
CA PRO A 426 8.02 -16.18 -16.66
C PRO A 426 7.93 -16.81 -15.28
N PRO A 427 6.83 -17.54 -14.99
CA PRO A 427 6.89 -18.28 -13.75
C PRO A 427 8.13 -19.20 -13.67
N LEU A 428 8.67 -19.35 -12.45
CA LEU A 428 9.93 -20.06 -12.21
C LEU A 428 9.75 -21.55 -12.45
N VAL A 429 8.51 -22.01 -12.36
CA VAL A 429 8.15 -23.40 -12.62
C VAL A 429 8.09 -23.78 -14.09
N MET A 430 8.30 -22.82 -15.00
CA MET A 430 8.30 -23.08 -16.44
C MET A 430 9.24 -24.27 -16.79
N THR A 431 8.73 -25.18 -17.61
CA THR A 431 9.52 -26.36 -18.01
C THR A 431 10.40 -26.03 -19.20
N ARG A 432 11.37 -26.92 -19.47
CA ARG A 432 12.20 -26.80 -20.65
CA ARG A 432 12.21 -26.78 -20.65
C ARG A 432 11.36 -26.75 -21.93
N ALA A 433 10.31 -27.57 -21.98
CA ALA A 433 9.42 -27.58 -23.12
C ALA A 433 8.65 -26.28 -23.25
N GLU A 434 8.21 -25.70 -22.13
CA GLU A 434 7.51 -24.42 -22.18
C GLU A 434 8.44 -23.30 -22.56
N VAL A 435 9.70 -23.38 -22.12
CA VAL A 435 10.70 -22.43 -22.59
C VAL A 435 10.80 -22.44 -24.11
N ASP A 436 10.96 -23.64 -24.69
CA ASP A 436 11.05 -23.77 -26.14
C ASP A 436 9.80 -23.29 -26.90
N GLU A 437 8.62 -23.61 -26.40
CA GLU A 437 7.36 -23.17 -26.98
C GLU A 437 7.32 -21.64 -27.02
N MET A 438 7.69 -21.02 -25.91
CA MET A 438 7.70 -19.56 -25.80
C MET A 438 8.69 -18.96 -26.79
N LEU A 439 9.91 -19.48 -26.81
CA LEU A 439 10.97 -18.96 -27.69
C LEU A 439 10.71 -19.22 -29.17
N ALA A 440 10.09 -20.37 -29.49
CA ALA A 440 9.67 -20.65 -30.88
C ALA A 440 8.73 -19.57 -31.38
N VAL A 441 7.71 -19.23 -30.58
CA VAL A 441 6.77 -18.16 -30.94
C VAL A 441 7.46 -16.79 -31.04
N ALA A 442 8.32 -16.50 -30.05
CA ALA A 442 9.05 -15.25 -30.03
C ALA A 442 9.95 -15.11 -31.27
N GLU A 443 10.60 -16.21 -31.66
CA GLU A 443 11.44 -16.24 -32.86
C GLU A 443 10.65 -15.90 -34.14
N ARG A 444 9.56 -16.61 -34.36
CA ARG A 444 8.62 -16.30 -35.44
C ARG A 444 8.21 -14.83 -35.43
N CYS A 445 8.01 -14.26 -34.23
CA CYS A 445 7.56 -12.87 -34.14
C CYS A 445 8.66 -11.88 -34.53
N LEU A 446 9.90 -12.22 -34.15
CA LEU A 446 11.05 -11.39 -34.51
C LEU A 446 11.33 -11.45 -36.01
N GLU A 447 11.17 -12.63 -36.61
CA GLU A 447 11.27 -12.75 -38.06
CA GLU A 447 11.27 -12.73 -38.06
C GLU A 447 10.25 -11.82 -38.71
N GLU A 448 9.01 -11.83 -38.22
CA GLU A 448 7.98 -10.90 -38.72
C GLU A 448 8.37 -9.44 -38.44
N PHE A 449 8.88 -9.20 -37.24
CA PHE A 449 9.32 -7.86 -36.83
C PHE A 449 10.39 -7.31 -37.78
N GLU A 450 11.44 -8.09 -38.04
CA GLU A 450 12.52 -7.70 -38.96
C GLU A 450 11.97 -7.35 -40.35
N GLN A 451 11.01 -8.15 -40.83
CA GLN A 451 10.33 -7.88 -42.11
C GLN A 451 9.52 -6.58 -42.11
N THR A 452 8.67 -6.41 -41.10
CA THR A 452 7.84 -5.20 -40.96
C THR A 452 8.69 -3.93 -40.91
N LEU A 453 9.86 -4.04 -40.29
CA LEU A 453 10.81 -2.94 -40.13
C LEU A 453 11.27 -2.46 -41.51
N LYS A 454 11.84 -3.40 -42.28
CA LYS A 454 12.27 -3.16 -43.66
C LYS A 454 11.11 -2.67 -44.53
N ALA A 455 9.98 -3.35 -44.43
CA ALA A 455 8.78 -3.04 -45.21
C ALA A 455 8.30 -1.60 -45.06
N ARG A 456 8.70 -0.92 -44.00
CA ARG A 456 8.45 0.53 -43.89
C ARG A 456 9.73 1.37 -43.79
N GLY A 457 10.86 0.75 -44.13
CA GLY A 457 12.14 1.47 -44.27
C GLY A 457 12.72 2.07 -43.00
N LEU A 458 12.41 1.45 -41.86
CA LEU A 458 12.91 1.88 -40.55
C LEU A 458 14.19 1.17 -40.19
N ALA A 459 14.55 0.17 -41.00
CA ALA A 459 15.72 -0.68 -40.77
C ALA A 459 17.04 0.09 -40.88
N ALA B 33 -0.22 -14.74 26.73
CA ALA B 33 -0.22 -16.21 26.51
C ALA B 33 -1.32 -16.64 25.54
N ARG B 34 -2.49 -16.02 25.67
CA ARG B 34 -3.67 -16.36 24.87
C ARG B 34 -3.53 -15.98 23.39
N VAL B 35 -4.15 -16.77 22.52
CA VAL B 35 -4.18 -16.48 21.08
C VAL B 35 -5.63 -16.48 20.57
N MET B 36 -5.87 -15.79 19.44
CA MET B 36 -7.16 -15.81 18.76
C MET B 36 -7.40 -17.19 18.14
N THR B 37 -8.63 -17.68 18.25
CA THR B 37 -8.98 -18.98 17.68
C THR B 37 -10.19 -18.94 16.74
N ARG B 38 -11.04 -17.92 16.87
CA ARG B 38 -12.28 -17.85 16.10
C ARG B 38 -12.90 -16.45 16.06
N GLY B 39 -13.56 -16.13 14.95
CA GLY B 39 -14.43 -14.96 14.86
C GLY B 39 -15.75 -15.36 14.22
N GLU B 40 -16.86 -14.87 14.79
CA GLU B 40 -18.20 -15.08 14.22
CA GLU B 40 -18.19 -15.07 14.21
C GLU B 40 -19.14 -13.96 14.67
N GLY B 41 -19.82 -13.34 13.71
CA GLY B 41 -20.71 -12.21 13.97
C GLY B 41 -19.97 -11.05 14.61
N VAL B 42 -20.43 -10.64 15.79
CA VAL B 42 -19.79 -9.57 16.56
C VAL B 42 -18.81 -10.10 17.59
N TYR B 43 -18.62 -11.42 17.62
CA TYR B 43 -17.79 -12.05 18.65
C TYR B 43 -16.44 -12.60 18.19
N LEU B 44 -15.47 -12.53 19.10
CA LEU B 44 -14.18 -13.22 18.98
C LEU B 44 -14.00 -14.25 20.09
N TRP B 45 -13.28 -15.33 19.81
CA TRP B 45 -12.82 -16.29 20.84
C TRP B 45 -11.33 -16.42 20.93
N ASP B 46 -10.82 -16.59 22.14
CA ASP B 46 -9.39 -16.87 22.34
C ASP B 46 -9.12 -18.35 22.70
N SER B 47 -7.85 -18.70 22.88
CA SER B 47 -7.44 -20.08 23.18
C SER B 47 -7.94 -20.62 24.53
N GLU B 48 -8.34 -19.72 25.41
CA GLU B 48 -8.87 -20.08 26.73
C GLU B 48 -10.37 -20.38 26.74
N GLY B 49 -11.02 -20.20 25.59
CA GLY B 49 -12.47 -20.40 25.45
C GLY B 49 -13.30 -19.13 25.60
N ASN B 50 -12.63 -18.04 25.99
CA ASN B 50 -13.29 -16.76 26.29
C ASN B 50 -13.96 -16.13 25.08
N LYS B 51 -15.21 -15.72 25.27
CA LYS B 51 -16.00 -15.07 24.24
C LYS B 51 -15.90 -13.56 24.43
N ILE B 52 -15.40 -12.86 23.41
CA ILE B 52 -15.12 -11.41 23.51
C ILE B 52 -16.01 -10.60 22.58
N ILE B 53 -16.55 -9.49 23.08
CA ILE B 53 -17.41 -8.63 22.27
C ILE B 53 -16.47 -7.68 21.50
N ASP B 54 -16.58 -7.68 20.17
CA ASP B 54 -15.71 -6.80 19.40
C ASP B 54 -16.48 -5.54 19.10
N GLY B 55 -16.33 -4.57 20.00
CA GLY B 55 -17.03 -3.29 19.81
C GLY B 55 -16.22 -2.33 18.96
N MET B 56 -15.13 -2.81 18.31
CA MET B 56 -14.23 -1.98 17.50
CA MET B 56 -14.32 -1.92 17.48
C MET B 56 -14.11 -2.46 16.06
N ALA B 57 -14.82 -3.54 15.73
CA ALA B 57 -14.96 -4.12 14.41
C ALA B 57 -13.63 -4.20 13.71
N GLY B 58 -12.74 -5.01 14.30
CA GLY B 58 -11.37 -5.15 13.85
C GLY B 58 -10.61 -3.84 14.02
N LEU B 59 -10.39 -3.18 12.89
CA LEU B 59 -9.85 -1.84 12.92
C LEU B 59 -10.89 -0.90 12.25
N TRP B 60 -12.02 -0.71 12.96
CA TRP B 60 -13.20 -0.01 12.49
C TRP B 60 -13.65 -0.40 11.10
N CYS B 61 -13.38 -1.63 10.65
CA CYS B 61 -13.51 -1.96 9.22
C CYS B 61 -14.36 -3.22 8.88
N VAL B 62 -14.56 -4.07 9.88
CA VAL B 62 -15.25 -5.36 9.71
C VAL B 62 -16.75 -5.11 9.84
N ASN B 63 -17.31 -4.41 8.84
CA ASN B 63 -18.66 -3.90 8.92
C ASN B 63 -19.76 -4.95 8.85
N VAL B 64 -19.49 -6.06 8.15
CA VAL B 64 -20.49 -7.13 8.06
C VAL B 64 -20.28 -8.17 9.13
N GLY B 65 -19.24 -7.99 9.95
CA GLY B 65 -18.92 -8.96 10.99
C GLY B 65 -18.09 -10.15 10.50
N TYR B 66 -17.80 -11.07 11.41
CA TYR B 66 -16.89 -12.18 11.09
C TYR B 66 -17.61 -13.41 10.54
N GLY B 67 -16.87 -14.30 9.86
CA GLY B 67 -17.36 -15.63 9.52
C GLY B 67 -18.13 -15.75 8.22
N ARG B 68 -18.00 -14.76 7.34
CA ARG B 68 -18.70 -14.79 6.06
C ARG B 68 -18.05 -15.84 5.14
N LYS B 69 -18.69 -17.00 5.06
CA LYS B 69 -18.17 -18.11 4.26
CA LYS B 69 -18.22 -18.12 4.25
C LYS B 69 -18.29 -17.82 2.75
N ASP B 70 -19.31 -17.06 2.36
CA ASP B 70 -19.47 -16.65 0.98
C ASP B 70 -18.30 -15.77 0.49
N PHE B 71 -17.72 -14.98 1.40
CA PHE B 71 -16.55 -14.13 1.07
C PHE B 71 -15.33 -14.99 0.82
N ALA B 72 -15.11 -15.97 1.68
CA ALA B 72 -13.97 -16.88 1.56
C ALA B 72 -14.05 -17.67 0.25
N GLU B 73 -15.27 -18.06 -0.10
CA GLU B 73 -15.55 -18.77 -1.35
C GLU B 73 -15.25 -17.89 -2.56
N ALA B 74 -15.63 -16.62 -2.48
CA ALA B 74 -15.33 -15.68 -3.57
C ALA B 74 -13.83 -15.58 -3.78
N ALA B 75 -13.04 -15.50 -2.71
CA ALA B 75 -11.58 -15.43 -2.88
C ALA B 75 -11.03 -16.73 -3.46
N ARG B 76 -11.46 -17.87 -2.89
CA ARG B 76 -10.99 -19.20 -3.33
C ARG B 76 -11.15 -19.34 -4.85
N ARG B 77 -12.35 -19.05 -5.32
CA ARG B 77 -12.70 -19.19 -6.73
CA ARG B 77 -12.70 -19.19 -6.73
C ARG B 77 -11.79 -18.36 -7.63
N GLN B 78 -11.59 -17.09 -7.29
CA GLN B 78 -10.70 -16.22 -8.08
C GLN B 78 -9.28 -16.72 -8.07
N MET B 79 -8.82 -17.19 -6.91
CA MET B 79 -7.41 -17.65 -6.76
C MET B 79 -7.17 -18.93 -7.56
N GLU B 80 -8.20 -19.78 -7.60
CA GLU B 80 -8.08 -21.08 -8.26
C GLU B 80 -8.06 -20.97 -9.77
N GLU B 81 -8.76 -19.98 -10.28
CA GLU B 81 -9.24 -19.99 -11.66
C GLU B 81 -8.63 -18.94 -12.56
N LEU B 82 -8.32 -17.76 -12.03
CA LEU B 82 -7.97 -16.65 -12.92
C LEU B 82 -6.55 -16.11 -12.74
N PRO B 83 -6.06 -15.37 -13.76
CA PRO B 83 -4.79 -14.66 -13.57
C PRO B 83 -5.02 -13.41 -12.71
N PHE B 84 -3.98 -12.64 -12.46
CA PHE B 84 -4.08 -11.56 -11.47
C PHE B 84 -3.81 -10.19 -12.05
N TYR B 85 -3.77 -10.09 -13.37
CA TYR B 85 -3.67 -8.80 -14.04
C TYR B 85 -4.92 -7.99 -13.78
N ASN B 86 -4.76 -6.69 -13.50
CA ASN B 86 -5.94 -5.82 -13.40
C ASN B 86 -6.55 -5.53 -14.76
N THR B 87 -5.72 -5.45 -15.80
CA THR B 87 -6.17 -5.26 -17.19
C THR B 87 -5.54 -6.26 -18.17
N PHE B 88 -6.30 -6.60 -19.19
CA PHE B 88 -5.86 -7.51 -20.24
C PHE B 88 -6.22 -6.92 -21.60
N PHE B 89 -5.20 -6.47 -22.34
CA PHE B 89 -5.37 -5.90 -23.68
C PHE B 89 -6.37 -4.73 -23.63
N LYS B 90 -7.56 -4.91 -24.20
CA LYS B 90 -8.55 -3.82 -24.23
C LYS B 90 -9.53 -3.92 -23.05
N THR B 91 -9.39 -4.96 -22.24
CA THR B 91 -10.33 -5.23 -21.15
C THR B 91 -9.74 -5.14 -19.74
N THR B 92 -10.64 -5.14 -18.76
CA THR B 92 -10.32 -5.15 -17.35
C THR B 92 -10.65 -6.54 -16.82
N HIS B 93 -9.91 -7.00 -15.80
CA HIS B 93 -10.21 -8.26 -15.12
C HIS B 93 -11.66 -8.25 -14.75
N PRO B 94 -12.37 -9.37 -14.99
CA PRO B 94 -13.82 -9.41 -14.75
C PRO B 94 -14.23 -9.10 -13.30
N ALA B 95 -13.41 -9.51 -12.32
CA ALA B 95 -13.74 -9.26 -10.93
C ALA B 95 -13.73 -7.75 -10.64
N VAL B 96 -12.77 -7.06 -11.24
CA VAL B 96 -12.65 -5.58 -11.11
C VAL B 96 -13.79 -4.86 -11.81
N VAL B 97 -14.09 -5.27 -13.04
CA VAL B 97 -15.21 -4.67 -13.80
C VAL B 97 -16.47 -4.73 -12.96
N GLU B 98 -16.75 -5.91 -12.40
CA GLU B 98 -17.91 -6.16 -11.56
C GLU B 98 -17.97 -5.20 -10.36
N LEU B 99 -16.84 -5.11 -9.64
CA LEU B 99 -16.81 -4.27 -8.45
C LEU B 99 -17.10 -2.82 -8.83
N SER B 100 -16.45 -2.32 -9.90
CA SER B 100 -16.64 -0.92 -10.35
C SER B 100 -18.09 -0.66 -10.76
N SER B 101 -18.69 -1.60 -11.48
CA SER B 101 -20.09 -1.50 -11.88
CA SER B 101 -20.09 -1.45 -11.88
C SER B 101 -20.99 -1.32 -10.65
N LEU B 102 -20.78 -2.18 -9.65
CA LEU B 102 -21.59 -2.16 -8.45
C LEU B 102 -21.32 -0.88 -7.66
N LEU B 103 -20.05 -0.47 -7.57
CA LEU B 103 -19.70 0.76 -6.85
C LEU B 103 -20.44 1.97 -7.42
N ALA B 104 -20.52 2.05 -8.75
CA ALA B 104 -21.16 3.17 -9.42
C ALA B 104 -22.63 3.31 -8.97
N GLU B 105 -23.25 2.18 -8.66
CA GLU B 105 -24.64 2.14 -8.19
C GLU B 105 -24.83 2.65 -6.75
N VAL B 106 -23.83 2.47 -5.89
CA VAL B 106 -23.99 2.84 -4.47
C VAL B 106 -23.27 4.13 -4.08
N THR B 107 -22.39 4.63 -4.95
CA THR B 107 -21.69 5.87 -4.66
C THR B 107 -22.60 7.03 -4.98
N PRO B 108 -22.38 8.19 -4.32
CA PRO B 108 -23.09 9.41 -4.72
C PRO B 108 -22.95 9.66 -6.22
N ALA B 109 -23.95 10.32 -6.79
CA ALA B 109 -23.93 10.69 -8.20
C ALA B 109 -22.64 11.46 -8.58
N GLY B 110 -21.97 11.05 -9.66
CA GLY B 110 -20.77 11.73 -10.17
C GLY B 110 -19.39 11.14 -9.89
N PHE B 111 -19.36 9.93 -9.33
CA PHE B 111 -18.10 9.34 -8.84
C PHE B 111 -17.72 8.03 -9.49
N ASP B 112 -17.97 7.93 -10.80
CA ASP B 112 -17.84 6.68 -11.54
C ASP B 112 -16.40 6.21 -11.74
N ARG B 113 -15.46 7.16 -11.77
CA ARG B 113 -14.05 6.83 -11.89
C ARG B 113 -13.45 6.45 -10.54
N VAL B 114 -13.08 5.17 -10.41
CA VAL B 114 -12.47 4.65 -9.19
C VAL B 114 -11.07 4.14 -9.48
N PHE B 115 -10.12 4.50 -8.61
CA PHE B 115 -8.74 4.03 -8.73
CA PHE B 115 -8.75 4.03 -8.74
C PHE B 115 -8.47 3.10 -7.56
N TYR B 116 -8.12 1.84 -7.84
CA TYR B 116 -7.93 0.86 -6.78
C TYR B 116 -6.50 0.86 -6.25
N THR B 117 -6.38 0.58 -4.95
CA THR B 117 -5.08 0.48 -4.31
C THR B 117 -5.13 -0.73 -3.38
N ASN B 118 -4.05 -0.96 -2.64
CA ASN B 118 -4.04 -2.04 -1.64
C ASN B 118 -4.34 -1.66 -0.18
N SER B 119 -4.55 -0.37 0.10
CA SER B 119 -4.79 0.07 1.49
C SER B 119 -5.28 1.51 1.51
N GLY B 120 -5.85 1.91 2.63
CA GLY B 120 -6.23 3.31 2.84
C GLY B 120 -5.01 4.23 2.79
N SER B 121 -3.86 3.74 3.25
CA SER B 121 -2.64 4.59 3.21
C SER B 121 -2.22 4.90 1.77
N GLU B 122 -2.22 3.85 0.92
CA GLU B 122 -1.94 4.02 -0.49
CA GLU B 122 -1.93 3.98 -0.50
C GLU B 122 -2.97 4.90 -1.17
N SER B 123 -4.24 4.76 -0.80
CA SER B 123 -5.30 5.62 -1.32
CA SER B 123 -5.27 5.61 -1.38
C SER B 123 -5.03 7.09 -1.02
N VAL B 124 -4.65 7.39 0.22
CA VAL B 124 -4.31 8.77 0.61
C VAL B 124 -3.11 9.29 -0.20
N ASP B 125 -2.05 8.51 -0.28
CA ASP B 125 -0.90 8.91 -1.05
CA ASP B 125 -0.87 8.93 -1.10
C ASP B 125 -1.23 9.16 -2.54
N THR B 126 -2.02 8.26 -3.13
CA THR B 126 -2.48 8.43 -4.52
C THR B 126 -3.32 9.69 -4.69
N MET B 127 -4.23 9.94 -3.75
CA MET B 127 -5.03 11.16 -3.76
C MET B 127 -4.14 12.43 -3.78
N ILE B 128 -3.10 12.44 -2.95
CA ILE B 128 -2.22 13.61 -2.84
C ILE B 128 -1.59 13.89 -4.20
N ARG B 129 -1.09 12.82 -4.83
CA ARG B 129 -0.43 12.93 -6.14
CA ARG B 129 -0.43 12.90 -6.14
C ARG B 129 -1.41 13.38 -7.21
N MET B 130 -2.65 12.86 -7.13
CA MET B 130 -3.70 13.23 -8.07
CA MET B 130 -3.72 13.22 -8.06
C MET B 130 -4.07 14.70 -7.95
N VAL B 131 -4.24 15.17 -6.70
CA VAL B 131 -4.58 16.56 -6.41
C VAL B 131 -3.51 17.50 -7.02
N ARG B 132 -2.26 17.17 -6.79
CA ARG B 132 -1.18 17.97 -7.30
C ARG B 132 -1.05 17.93 -8.82
N ARG B 133 -1.19 16.74 -9.41
CA ARG B 133 -1.17 16.61 -10.87
CA ARG B 133 -1.17 16.61 -10.87
C ARG B 133 -2.31 17.41 -11.50
N TYR B 134 -3.48 17.37 -10.87
CA TYR B 134 -4.60 18.11 -11.39
C TYR B 134 -4.29 19.63 -11.56
N TRP B 135 -3.73 20.25 -10.54
CA TRP B 135 -3.39 21.68 -10.63
C TRP B 135 -2.29 21.97 -11.63
N ASP B 136 -1.36 21.03 -11.76
CA ASP B 136 -0.32 21.08 -12.81
C ASP B 136 -0.93 21.17 -14.20
N VAL B 137 -1.84 20.25 -14.51
CA VAL B 137 -2.56 20.22 -15.76
C VAL B 137 -3.34 21.52 -15.99
N GLN B 138 -3.79 22.13 -14.90
CA GLN B 138 -4.55 23.38 -14.96
C GLN B 138 -3.68 24.61 -15.15
N GLY B 139 -2.35 24.41 -15.15
CA GLY B 139 -1.40 25.51 -15.32
C GLY B 139 -1.15 26.33 -14.06
N LYS B 140 -1.41 25.74 -12.90
CA LYS B 140 -1.27 26.46 -11.64
C LYS B 140 -0.15 25.79 -10.88
N PRO B 141 1.12 26.17 -11.18
CA PRO B 141 2.26 25.46 -10.63
C PRO B 141 2.46 25.69 -9.12
N GLU B 142 1.93 26.79 -8.61
CA GLU B 142 2.08 27.15 -7.20
CA GLU B 142 2.08 27.14 -7.19
C GLU B 142 1.12 26.30 -6.33
N LYS B 143 0.06 25.80 -6.95
CA LYS B 143 -1.10 25.27 -6.20
C LYS B 143 -0.92 23.83 -5.75
N LYS B 144 -0.15 23.67 -4.69
CA LYS B 144 0.31 22.34 -4.30
C LYS B 144 0.17 21.96 -2.81
N THR B 145 -0.25 22.91 -1.97
CA THR B 145 -0.24 22.70 -0.53
C THR B 145 -1.56 22.03 -0.19
N LEU B 146 -1.49 20.90 0.52
CA LEU B 146 -2.69 20.32 1.09
C LEU B 146 -2.78 20.69 2.55
N ILE B 147 -4.01 20.99 2.98
CA ILE B 147 -4.21 21.35 4.36
C ILE B 147 -4.97 20.23 5.08
N GLY B 148 -4.42 19.79 6.20
CA GLY B 148 -5.11 18.82 7.09
C GLY B 148 -5.33 19.45 8.47
N ARG B 149 -5.52 18.63 9.49
CA ARG B 149 -5.84 19.10 10.84
C ARG B 149 -4.97 18.44 11.86
N TRP B 150 -4.65 19.15 12.94
CA TRP B 150 -4.03 18.55 14.12
C TRP B 150 -4.99 17.51 14.65
N ASN B 151 -4.45 16.34 15.00
CA ASN B 151 -5.21 15.17 15.43
C ASN B 151 -6.01 14.49 14.30
N GLY B 152 -5.71 14.86 13.05
CA GLY B 152 -6.21 14.15 11.87
C GLY B 152 -5.35 12.94 11.57
N TYR B 153 -5.94 11.91 10.96
CA TYR B 153 -5.18 10.70 10.66
C TYR B 153 -5.47 10.21 9.26
N HIS B 154 -4.43 10.04 8.43
CA HIS B 154 -4.57 9.69 7.02
C HIS B 154 -3.63 8.59 6.60
N GLY B 155 -3.34 7.67 7.53
CA GLY B 155 -2.43 6.57 7.18
C GLY B 155 -0.97 6.79 7.54
N SER B 156 -0.14 5.83 7.12
CA SER B 156 1.21 5.72 7.64
C SER B 156 2.31 5.97 6.59
N THR B 157 1.94 6.27 5.36
CA THR B 157 3.03 6.65 4.41
C THR B 157 3.62 7.99 4.83
N ILE B 158 4.79 8.31 4.29
CA ILE B 158 5.37 9.65 4.40
C ILE B 158 4.32 10.72 4.02
N GLY B 159 3.64 10.53 2.88
CA GLY B 159 2.56 11.42 2.43
C GLY B 159 1.40 11.52 3.41
N GLY B 160 0.83 10.38 3.78
CA GLY B 160 -0.29 10.35 4.75
C GLY B 160 0.06 10.83 6.13
N ALA B 161 1.25 10.50 6.60
CA ALA B 161 1.72 10.94 7.92
C ALA B 161 1.93 12.46 7.93
N SER B 162 2.40 13.02 6.81
CA SER B 162 2.59 14.47 6.67
C SER B 162 1.25 15.24 6.67
N LEU B 163 0.26 14.71 5.93
CA LEU B 163 -1.09 15.28 5.87
C LEU B 163 -1.87 15.11 7.20
N GLY B 164 -1.70 13.95 7.87
CA GLY B 164 -2.17 13.73 9.26
C GLY B 164 -1.54 14.73 10.23
N GLY B 165 -2.17 14.90 11.38
CA GLY B 165 -1.72 15.90 12.36
C GLY B 165 -1.36 15.29 13.71
N MET B 166 -0.76 14.10 13.68
CA MET B 166 -0.35 13.39 14.90
C MET B 166 1.09 13.79 15.20
N LYS B 167 1.30 14.61 16.24
CA LYS B 167 2.62 15.19 16.51
CA LYS B 167 2.62 15.18 16.54
C LYS B 167 3.74 14.15 16.72
N TYR B 168 3.41 12.98 17.27
CA TYR B 168 4.39 11.89 17.42
C TYR B 168 4.85 11.37 16.05
N MET B 169 3.96 11.44 15.07
CA MET B 169 4.30 11.01 13.71
C MET B 169 5.14 12.03 12.95
N HIS B 170 5.26 13.26 13.46
N HIS B 170 5.28 13.24 13.54
CA HIS B 170 6.01 14.27 12.73
CA HIS B 170 5.76 14.45 12.87
C HIS B 170 7.49 14.24 13.01
C HIS B 170 7.12 14.94 13.27
N GLU B 171 8.11 13.09 12.68
N GLU B 171 7.44 16.13 12.75
CA GLU B 171 9.56 12.93 12.67
CA GLU B 171 8.73 16.79 12.95
C GLU B 171 10.00 11.45 12.62
C GLU B 171 9.93 15.93 12.54
N GLN B 172 9.37 10.65 11.75
N GLN B 172 10.58 15.27 13.49
CA GLN B 172 9.79 9.25 11.52
CA GLN B 172 11.71 14.46 13.11
C GLN B 172 10.51 9.14 10.20
C GLN B 172 12.32 15.11 11.90
N GLY B 173 10.05 9.93 9.24
N GLY B 173 12.41 16.43 11.95
CA GLY B 173 10.67 10.02 7.94
CA GLY B 173 12.96 17.23 10.86
C GLY B 173 10.97 11.46 7.57
C GLY B 173 12.37 16.85 9.51
N ASP B 174 11.06 12.33 8.59
N ASP B 174 12.11 15.56 9.34
CA ASP B 174 11.32 13.77 8.40
CA ASP B 174 11.66 15.05 8.05
C ASP B 174 10.11 14.52 7.78
C ASP B 174 10.20 15.35 7.71
N LEU B 175 9.29 15.09 8.65
CA LEU B 175 7.86 15.30 8.38
C LEU B 175 7.28 16.51 9.11
N PRO B 176 6.25 17.16 8.54
CA PRO B 176 5.63 16.91 7.23
C PRO B 176 6.54 17.28 6.08
N ILE B 177 6.31 16.65 4.95
CA ILE B 177 6.98 17.05 3.73
C ILE B 177 6.46 18.44 3.28
N PRO B 178 7.10 19.05 2.26
CA PRO B 178 6.66 20.38 1.81
C PRO B 178 5.25 20.38 1.22
N GLY B 179 4.60 21.53 1.26
CA GLY B 179 3.26 21.66 0.67
C GLY B 179 2.23 20.91 1.51
N MET B 180 2.42 20.95 2.83
CA MET B 180 1.48 20.38 3.80
C MET B 180 1.30 21.38 4.92
N ALA B 181 0.06 21.71 5.25
CA ALA B 181 -0.20 22.66 6.35
C ALA B 181 -1.29 22.07 7.24
N HIS B 182 -1.46 22.60 8.46
CA HIS B 182 -2.43 22.06 9.40
C HIS B 182 -3.19 23.12 10.12
N ILE B 183 -4.49 22.89 10.32
CA ILE B 183 -5.28 23.76 11.20
C ILE B 183 -5.75 22.97 12.39
N GLU B 184 -6.19 23.68 13.44
CA GLU B 184 -6.72 23.05 14.62
C GLU B 184 -8.01 22.26 14.32
N GLN B 185 -8.23 21.20 15.10
CA GLN B 185 -9.38 20.32 14.95
C GLN B 185 -10.63 20.94 15.57
N PRO B 186 -11.82 20.68 14.96
CA PRO B 186 -13.08 21.16 15.54
C PRO B 186 -13.55 20.39 16.81
N TRP B 187 -12.72 20.43 17.85
CA TRP B 187 -12.99 19.76 19.11
C TRP B 187 -13.59 20.72 20.10
N TRP B 188 -14.91 20.77 20.13
CA TRP B 188 -15.62 21.77 20.92
C TRP B 188 -15.30 21.72 22.40
N TYR B 189 -15.18 20.50 22.94
CA TYR B 189 -15.05 20.33 24.37
C TYR B 189 -13.82 21.05 24.87
N LYS B 190 -12.75 21.01 24.07
CA LYS B 190 -11.48 21.67 24.39
C LYS B 190 -11.42 23.12 23.90
N HIS B 191 -11.86 23.38 22.68
CA HIS B 191 -11.61 24.71 22.05
C HIS B 191 -12.78 25.62 21.97
N GLY B 192 -13.95 25.14 22.40
CA GLY B 192 -15.22 25.84 22.14
C GLY B 192 -15.44 27.08 22.98
N LYS B 193 -14.56 27.31 23.97
CA LYS B 193 -14.66 28.43 24.91
C LYS B 193 -16.09 28.59 25.45
N ASP B 194 -16.68 29.77 25.26
CA ASP B 194 -18.07 29.98 25.68
C ASP B 194 -19.06 30.04 24.53
N MET B 195 -18.70 29.36 23.43
CA MET B 195 -19.53 29.26 22.25
C MET B 195 -20.45 28.06 22.30
N THR B 196 -21.61 28.15 21.66
CA THR B 196 -22.39 26.96 21.35
C THR B 196 -21.63 26.13 20.31
N PRO B 197 -21.92 24.82 20.22
CA PRO B 197 -21.31 23.98 19.19
C PRO B 197 -21.51 24.57 17.80
N ASP B 198 -22.72 25.01 17.48
CA ASP B 198 -22.99 25.66 16.21
C ASP B 198 -22.18 26.94 15.93
N GLU B 199 -21.96 27.77 16.94
CA GLU B 199 -21.13 28.97 16.77
C GLU B 199 -19.68 28.55 16.53
N PHE B 200 -19.25 27.58 17.33
CA PHE B 200 -17.89 27.08 17.26
C PHE B 200 -17.61 26.43 15.91
N GLY B 201 -18.60 25.74 15.33
CA GLY B 201 -18.39 25.06 14.02
C GLY B 201 -17.97 26.07 12.94
N VAL B 202 -18.59 27.24 12.95
CA VAL B 202 -18.22 28.33 12.05
C VAL B 202 -16.79 28.85 12.31
N VAL B 203 -16.48 29.10 13.60
CA VAL B 203 -15.16 29.57 14.01
C VAL B 203 -14.06 28.56 13.59
N ALA B 204 -14.29 27.27 13.90
CA ALA B 204 -13.33 26.20 13.63
C ALA B 204 -13.15 25.97 12.15
N ALA B 205 -14.22 26.10 11.38
CA ALA B 205 -14.09 26.07 9.94
C ALA B 205 -13.36 27.30 9.40
N ARG B 206 -13.55 28.46 10.01
CA ARG B 206 -12.88 29.65 9.48
C ARG B 206 -11.37 29.64 9.69
N TRP B 207 -10.87 28.77 10.57
CA TRP B 207 -9.42 28.57 10.69
C TRP B 207 -8.83 28.15 9.38
N LEU B 208 -9.61 27.45 8.56
CA LEU B 208 -9.13 27.09 7.22
C LEU B 208 -8.95 28.32 6.33
N GLU B 209 -9.90 29.25 6.43
CA GLU B 209 -9.81 30.51 5.68
C GLU B 209 -8.57 31.30 6.14
N GLU B 210 -8.41 31.40 7.46
CA GLU B 210 -7.27 32.10 8.08
C GLU B 210 -5.96 31.48 7.59
N LYS B 211 -5.90 30.14 7.59
CA LYS B 211 -4.71 29.45 7.09
C LYS B 211 -4.45 29.66 5.62
N ILE B 212 -5.50 29.64 4.80
CA ILE B 212 -5.34 29.85 3.37
C ILE B 212 -4.79 31.26 3.07
N LEU B 213 -5.28 32.25 3.81
CA LEU B 213 -4.86 33.63 3.55
C LEU B 213 -3.46 33.87 4.11
N GLU B 214 -3.09 33.11 5.14
CA GLU B 214 -1.73 33.14 5.67
C GLU B 214 -0.74 32.57 4.63
N ILE B 215 -1.09 31.46 3.99
CA ILE B 215 -0.25 30.83 2.97
C ILE B 215 -0.29 31.55 1.62
N GLY B 216 -1.47 32.02 1.26
CA GLY B 216 -1.73 32.53 -0.08
C GLY B 216 -2.53 31.49 -0.85
N ALA B 217 -3.71 31.91 -1.30
CA ALA B 217 -4.68 31.03 -1.97
C ALA B 217 -4.17 30.32 -3.20
N ASP B 218 -3.36 31.02 -3.99
CA ASP B 218 -2.70 30.47 -5.18
C ASP B 218 -1.80 29.26 -4.90
N LYS B 219 -1.39 29.10 -3.65
CA LYS B 219 -0.51 28.00 -3.26
C LYS B 219 -1.28 26.79 -2.68
N VAL B 220 -2.58 26.93 -2.44
CA VAL B 220 -3.34 25.89 -1.69
C VAL B 220 -4.13 24.99 -2.67
N ALA B 221 -3.77 23.69 -2.72
CA ALA B 221 -4.38 22.71 -3.64
C ALA B 221 -5.68 22.07 -3.11
N ALA B 222 -5.71 21.77 -1.82
CA ALA B 222 -6.86 21.03 -1.22
C ALA B 222 -6.90 21.14 0.26
N PHE B 223 -8.12 20.97 0.81
CA PHE B 223 -8.30 20.65 2.22
C PHE B 223 -8.81 19.21 2.27
N VAL B 224 -8.25 18.44 3.20
CA VAL B 224 -8.59 16.98 3.39
C VAL B 224 -9.02 16.74 4.82
N GLY B 225 -10.17 16.08 5.02
CA GLY B 225 -10.55 15.74 6.37
C GLY B 225 -11.40 14.48 6.41
N GLU B 226 -11.26 13.73 7.49
CA GLU B 226 -12.23 12.68 7.87
C GLU B 226 -13.55 13.32 8.28
N PRO B 227 -14.73 12.87 7.73
CA PRO B 227 -15.95 13.58 8.15
C PRO B 227 -16.09 13.64 9.68
N ILE B 228 -15.76 12.53 10.35
CA ILE B 228 -15.59 12.43 11.78
C ILE B 228 -14.16 11.90 11.96
N GLN B 229 -13.37 12.57 12.77
CA GLN B 229 -12.00 12.10 13.06
C GLN B 229 -12.01 10.77 13.83
N GLY B 230 -11.39 9.73 13.26
CA GLY B 230 -11.43 8.36 13.82
C GLY B 230 -10.37 8.11 14.88
N ALA B 231 -9.12 7.93 14.46
CA ALA B 231 -8.02 7.64 15.37
C ALA B 231 -7.84 8.77 16.37
N GLY B 232 -8.28 9.97 16.01
CA GLY B 232 -8.23 11.10 16.93
C GLY B 232 -9.21 11.08 18.09
N GLY B 233 -10.19 10.19 18.03
CA GLY B 233 -11.11 10.00 19.14
C GLY B 233 -12.60 10.21 18.87
N VAL B 234 -13.03 9.95 17.64
CA VAL B 234 -14.44 10.16 17.24
C VAL B 234 -14.86 11.62 17.54
N ILE B 235 -14.11 12.55 16.97
CA ILE B 235 -14.41 13.96 17.12
C ILE B 235 -15.46 14.31 16.09
N VAL B 236 -16.69 14.53 16.55
CA VAL B 236 -17.81 14.77 15.68
C VAL B 236 -17.97 16.29 15.59
N PRO B 237 -17.80 16.86 14.38
CA PRO B 237 -17.89 18.34 14.26
C PRO B 237 -19.34 18.85 14.36
N PRO B 238 -19.52 20.12 14.72
CA PRO B 238 -20.87 20.71 14.75
C PRO B 238 -21.49 20.72 13.36
N ALA B 239 -22.83 20.73 13.30
CA ALA B 239 -23.53 20.73 12.01
C ALA B 239 -23.13 21.88 11.10
N THR B 240 -22.70 22.99 11.69
CA THR B 240 -22.30 24.16 10.89
C THR B 240 -20.92 24.06 10.24
N TYR B 241 -20.11 23.09 10.67
CA TYR B 241 -18.68 23.03 10.33
C TYR B 241 -18.46 22.70 8.85
N TRP B 242 -18.93 21.54 8.40
CA TRP B 242 -18.74 21.16 7.00
C TRP B 242 -19.26 22.09 5.90
N PRO B 243 -20.51 22.60 6.02
CA PRO B 243 -21.01 23.59 5.05
C PRO B 243 -20.08 24.80 4.98
N GLU B 244 -19.60 25.27 6.14
CA GLU B 244 -18.63 26.39 6.15
C GLU B 244 -17.24 26.04 5.54
N ILE B 245 -16.69 24.87 5.89
CA ILE B 245 -15.48 24.36 5.19
C ILE B 245 -15.69 24.36 3.68
N GLU B 246 -16.85 23.85 3.23
CA GLU B 246 -17.09 23.80 1.79
C GLU B 246 -17.17 25.19 1.11
N ARG B 247 -17.89 26.13 1.75
CA ARG B 247 -17.94 27.50 1.25
C ARG B 247 -16.53 28.06 1.10
N ILE B 248 -15.73 27.90 2.14
CA ILE B 248 -14.33 28.38 2.08
C ILE B 248 -13.51 27.74 0.93
N CYS B 249 -13.58 26.42 0.81
CA CYS B 249 -12.92 25.72 -0.32
C CYS B 249 -13.30 26.29 -1.70
N ARG B 250 -14.61 26.48 -1.95
CA ARG B 250 -15.07 26.96 -3.24
C ARG B 250 -14.68 28.42 -3.45
N LYS B 251 -14.69 29.19 -2.36
CA LYS B 251 -14.31 30.61 -2.42
C LYS B 251 -12.89 30.76 -2.96
N TYR B 252 -11.98 29.90 -2.51
CA TYR B 252 -10.55 30.00 -2.93
C TYR B 252 -10.09 29.03 -4.01
N ASP B 253 -11.03 28.31 -4.63
CA ASP B 253 -10.72 27.37 -5.72
C ASP B 253 -9.77 26.28 -5.16
N VAL B 254 -10.09 25.78 -3.97
CA VAL B 254 -9.32 24.74 -3.27
C VAL B 254 -10.15 23.45 -3.37
N LEU B 255 -9.53 22.31 -3.72
CA LEU B 255 -10.25 21.04 -3.79
C LEU B 255 -10.67 20.55 -2.41
N LEU B 256 -11.81 19.86 -2.33
CA LEU B 256 -12.31 19.41 -1.04
C LEU B 256 -12.29 17.88 -1.06
N VAL B 257 -11.54 17.31 -0.13
CA VAL B 257 -11.33 15.84 -0.10
C VAL B 257 -11.87 15.23 1.20
N ALA B 258 -12.71 14.21 1.08
CA ALA B 258 -13.17 13.46 2.26
C ALA B 258 -12.37 12.17 2.39
N ASP B 259 -11.84 11.94 3.60
CA ASP B 259 -11.19 10.64 3.90
C ASP B 259 -12.21 9.76 4.60
N GLU B 260 -12.81 8.85 3.82
CA GLU B 260 -13.92 7.96 4.25
C GLU B 260 -13.40 6.60 4.71
N VAL B 261 -12.14 6.55 5.13
CA VAL B 261 -11.55 5.27 5.49
C VAL B 261 -12.23 4.61 6.71
N ILE B 262 -12.75 5.42 7.63
CA ILE B 262 -13.56 4.89 8.74
C ILE B 262 -15.06 5.13 8.57
N CYS B 263 -15.43 6.33 8.10
CA CYS B 263 -16.84 6.69 7.93
C CYS B 263 -17.51 6.04 6.72
N GLY B 264 -16.75 5.37 5.87
CA GLY B 264 -17.34 4.89 4.61
C GLY B 264 -18.11 3.59 4.81
N PHE B 265 -18.92 3.23 3.82
CA PHE B 265 -19.59 1.91 3.76
C PHE B 265 -20.51 1.69 4.96
N GLY B 266 -21.33 2.71 5.21
CA GLY B 266 -22.47 2.60 6.11
C GLY B 266 -22.27 2.96 7.56
N ARG B 267 -21.06 3.33 7.96
CA ARG B 267 -20.73 3.60 9.36
C ARG B 267 -21.62 4.68 10.02
N THR B 268 -22.02 5.71 9.26
CA THR B 268 -22.82 6.83 9.84
C THR B 268 -24.33 6.68 9.59
N GLY B 269 -24.73 5.64 8.85
CA GLY B 269 -26.10 5.51 8.37
C GLY B 269 -26.24 5.79 6.89
N GLU B 270 -25.45 6.75 6.38
CA GLU B 270 -25.36 6.95 4.94
C GLU B 270 -24.25 6.04 4.42
N TRP B 271 -24.17 5.90 3.10
CA TRP B 271 -23.09 5.12 2.52
C TRP B 271 -21.75 5.71 2.88
N PHE B 272 -21.68 7.05 2.90
CA PHE B 272 -20.42 7.75 3.24
C PHE B 272 -20.64 8.90 4.19
N GLY B 273 -19.66 9.17 5.05
CA GLY B 273 -19.82 10.19 6.07
C GLY B 273 -20.07 11.57 5.47
N HIS B 274 -19.50 11.87 4.30
CA HIS B 274 -19.75 13.19 3.69
C HIS B 274 -21.22 13.40 3.34
N GLN B 275 -21.94 12.31 3.11
CA GLN B 275 -23.39 12.40 2.83
C GLN B 275 -24.16 12.77 4.08
N HIS B 276 -23.75 12.22 5.21
CA HIS B 276 -24.37 12.58 6.49
C HIS B 276 -24.22 14.05 6.81
N PHE B 277 -23.01 14.59 6.67
CA PHE B 277 -22.76 16.01 6.97
C PHE B 277 -23.16 17.00 5.88
N GLY B 278 -23.50 16.49 4.69
CA GLY B 278 -24.00 17.36 3.65
C GLY B 278 -22.92 18.20 2.97
N PHE B 279 -21.75 17.61 2.70
CA PHE B 279 -20.79 18.26 1.77
C PHE B 279 -20.44 17.38 0.58
N GLN B 280 -19.97 18.03 -0.48
CA GLN B 280 -19.80 17.40 -1.76
CA GLN B 280 -19.77 17.38 -1.78
C GLN B 280 -18.30 17.42 -2.15
N PRO B 281 -17.52 16.36 -1.76
CA PRO B 281 -16.06 16.40 -2.07
C PRO B 281 -15.74 16.20 -3.54
N ASP B 282 -14.58 16.69 -3.99
CA ASP B 282 -14.14 16.48 -5.35
C ASP B 282 -13.50 15.11 -5.52
N LEU B 283 -12.98 14.59 -4.42
CA LEU B 283 -12.51 13.18 -4.35
C LEU B 283 -12.73 12.65 -2.95
N PHE B 284 -12.80 11.32 -2.83
CA PHE B 284 -12.77 10.70 -1.49
C PHE B 284 -12.05 9.37 -1.48
N THR B 285 -11.42 9.07 -0.34
CA THR B 285 -10.59 7.89 -0.20
C THR B 285 -11.28 6.88 0.70
N ALA B 286 -11.05 5.60 0.42
CA ALA B 286 -11.67 4.49 1.15
C ALA B 286 -10.63 3.38 1.32
N ALA B 287 -10.76 2.57 2.37
CA ALA B 287 -9.77 1.54 2.72
C ALA B 287 -10.50 0.21 2.83
N LYS B 288 -10.09 -0.63 3.77
CA LYS B 288 -10.59 -2.01 3.77
C LYS B 288 -12.02 -2.19 4.24
N GLY B 289 -12.71 -1.10 4.60
CA GLY B 289 -14.15 -1.18 4.81
C GLY B 289 -14.83 -1.69 3.55
N LEU B 290 -14.22 -1.41 2.40
CA LEU B 290 -14.68 -1.88 1.11
C LEU B 290 -14.82 -3.42 1.03
N SER B 291 -13.98 -4.12 1.78
CA SER B 291 -13.98 -5.59 1.81
C SER B 291 -14.36 -6.10 3.20
N SER B 292 -14.91 -5.20 4.03
CA SER B 292 -15.04 -5.44 5.48
C SER B 292 -13.81 -5.98 6.13
N GLY B 293 -12.63 -5.58 5.64
CA GLY B 293 -11.40 -6.03 6.27
C GLY B 293 -10.96 -7.46 5.97
N TYR B 294 -11.76 -8.20 5.19
CA TYR B 294 -11.47 -9.60 4.83
C TYR B 294 -10.20 -9.72 3.99
N LEU B 295 -9.91 -8.71 3.16
CA LEU B 295 -8.66 -8.68 2.41
C LEU B 295 -8.23 -7.23 2.21
N PRO B 296 -6.91 -7.00 2.02
CA PRO B 296 -6.45 -5.63 1.83
C PRO B 296 -6.89 -5.00 0.53
N ILE B 297 -7.43 -3.77 0.63
CA ILE B 297 -7.89 -3.06 -0.53
C ILE B 297 -8.19 -1.62 -0.12
N GLY B 298 -8.07 -0.71 -1.09
CA GLY B 298 -8.51 0.66 -0.94
C GLY B 298 -8.89 1.25 -2.28
N ALA B 299 -9.35 2.51 -2.28
CA ALA B 299 -9.79 3.15 -3.49
C ALA B 299 -9.79 4.65 -3.37
N VAL B 300 -9.55 5.31 -4.49
CA VAL B 300 -9.80 6.74 -4.58
C VAL B 300 -10.96 6.88 -5.54
N PHE B 301 -12.03 7.50 -5.07
CA PHE B 301 -13.19 7.80 -5.90
C PHE B 301 -13.01 9.22 -6.37
N VAL B 302 -12.97 9.38 -7.68
CA VAL B 302 -12.56 10.65 -8.29
C VAL B 302 -13.77 11.28 -8.92
N GLY B 303 -14.10 12.49 -8.46
CA GLY B 303 -15.19 13.22 -9.08
C GLY B 303 -14.89 13.67 -10.50
N LYS B 304 -15.93 14.16 -11.18
CA LYS B 304 -15.87 14.42 -12.61
C LYS B 304 -14.82 15.48 -12.98
N ARG B 305 -14.82 16.62 -12.27
CA ARG B 305 -13.91 17.72 -12.51
C ARG B 305 -12.46 17.23 -12.50
N VAL B 306 -12.06 16.56 -11.43
CA VAL B 306 -10.69 16.10 -11.31
C VAL B 306 -10.34 14.97 -12.32
N ALA B 307 -11.26 14.02 -12.49
CA ALA B 307 -11.08 12.90 -13.45
C ALA B 307 -10.79 13.42 -14.85
N GLU B 308 -11.67 14.29 -15.35
CA GLU B 308 -11.51 14.96 -16.63
C GLU B 308 -10.21 15.75 -16.72
N GLY B 309 -9.85 16.47 -15.66
CA GLY B 309 -8.60 17.21 -15.60
C GLY B 309 -7.37 16.32 -15.71
N LEU B 310 -7.45 15.13 -15.12
CA LEU B 310 -6.35 14.17 -15.18
C LEU B 310 -6.27 13.46 -16.55
N ILE B 311 -7.44 13.17 -17.14
CA ILE B 311 -7.56 12.70 -18.53
C ILE B 311 -6.97 13.72 -19.53
N ALA B 312 -7.30 15.01 -19.30
CA ALA B 312 -6.84 16.11 -20.15
C ALA B 312 -5.31 16.25 -20.25
N GLY B 313 -4.59 15.47 -19.44
CA GLY B 313 -3.14 15.39 -19.52
C GLY B 313 -2.65 13.99 -19.88
N GLY B 314 -3.48 12.98 -19.65
CA GLY B 314 -3.11 11.58 -19.82
C GLY B 314 -2.12 11.15 -18.75
N ASP B 315 -2.61 11.04 -17.51
CA ASP B 315 -1.76 11.00 -16.31
C ASP B 315 -1.97 9.75 -15.46
N PHE B 316 -2.98 9.83 -14.59
CA PHE B 316 -3.46 8.67 -13.88
C PHE B 316 -4.52 8.03 -14.78
N ASN B 317 -4.05 7.48 -15.91
CA ASN B 317 -4.92 6.87 -16.91
C ASN B 317 -4.53 5.40 -17.16
N HIS B 318 -3.65 5.16 -18.13
CA HIS B 318 -3.17 3.81 -18.46
C HIS B 318 -2.61 3.11 -17.25
N GLY B 319 -3.48 2.47 -16.48
CA GLY B 319 -3.13 1.90 -15.19
C GLY B 319 -3.90 2.54 -14.05
N PHE B 320 -5.23 2.57 -14.18
CA PHE B 320 -6.12 3.13 -13.16
C PHE B 320 -6.50 2.12 -12.07
N THR B 321 -7.33 1.14 -12.42
CA THR B 321 -7.65 0.03 -11.52
C THR B 321 -6.39 -0.76 -11.17
N TYR B 322 -5.28 -0.36 -11.79
CA TYR B 322 -4.04 -1.12 -11.74
C TYR B 322 -3.08 -0.73 -10.60
N SER B 323 -3.54 -0.96 -9.38
CA SER B 323 -2.67 -0.95 -8.21
CA SER B 323 -2.68 -0.94 -8.20
C SER B 323 -3.19 -1.97 -7.21
N GLY B 324 -4.51 -2.17 -7.21
CA GLY B 324 -5.16 -3.14 -6.35
C GLY B 324 -4.93 -4.55 -6.87
N HIS B 325 -5.66 -5.51 -6.29
CA HIS B 325 -5.56 -6.91 -6.66
C HIS B 325 -6.94 -7.47 -6.96
N PRO B 326 -7.07 -8.21 -8.07
CA PRO B 326 -8.42 -8.69 -8.41
C PRO B 326 -9.05 -9.73 -7.49
N VAL B 327 -8.26 -10.51 -6.75
CA VAL B 327 -8.84 -11.42 -5.74
C VAL B 327 -9.53 -10.59 -4.65
N CYS B 328 -8.87 -9.52 -4.23
CA CYS B 328 -9.44 -8.60 -3.27
C CYS B 328 -10.67 -7.89 -3.82
N ALA B 329 -10.67 -7.57 -5.13
CA ALA B 329 -11.84 -6.95 -5.76
C ALA B 329 -13.07 -7.87 -5.70
N ALA B 330 -12.85 -9.17 -5.86
CA ALA B 330 -13.93 -10.14 -5.83
C ALA B 330 -14.58 -10.19 -4.46
N VAL B 331 -13.76 -10.15 -3.41
CA VAL B 331 -14.26 -10.13 -2.04
C VAL B 331 -14.98 -8.79 -1.77
N ALA B 332 -14.38 -7.69 -2.21
CA ALA B 332 -14.98 -6.36 -2.03
C ALA B 332 -16.36 -6.32 -2.69
N HIS B 333 -16.47 -6.96 -3.86
CA HIS B 333 -17.76 -7.03 -4.57
C HIS B 333 -18.82 -7.75 -3.79
N ALA B 334 -18.48 -8.91 -3.21
CA ALA B 334 -19.43 -9.70 -2.40
C ALA B 334 -19.83 -8.90 -1.19
N ASN B 335 -18.88 -8.14 -0.62
CA ASN B 335 -19.14 -7.30 0.56
C ASN B 335 -20.12 -6.14 0.25
N VAL B 336 -19.83 -5.37 -0.80
CA VAL B 336 -20.68 -4.23 -1.14
C VAL B 336 -22.08 -4.72 -1.56
N ALA B 337 -22.12 -5.80 -2.34
CA ALA B 337 -23.38 -6.47 -2.65
C ALA B 337 -24.14 -6.87 -1.36
N ALA B 338 -23.43 -7.41 -0.38
CA ALA B 338 -24.09 -7.81 0.87
C ALA B 338 -24.62 -6.59 1.64
N LEU B 339 -23.84 -5.51 1.67
CA LEU B 339 -24.27 -4.28 2.35
C LEU B 339 -25.54 -3.70 1.71
N ARG B 340 -25.66 -3.75 0.39
CA ARG B 340 -26.85 -3.24 -0.29
C ARG B 340 -27.98 -4.25 -0.22
N ASP B 341 -27.74 -5.45 -0.72
CA ASP B 341 -28.79 -6.46 -0.86
C ASP B 341 -29.34 -7.03 0.46
N GLU B 342 -28.54 -7.05 1.51
CA GLU B 342 -29.03 -7.53 2.81
C GLU B 342 -29.55 -6.38 3.68
N GLY B 343 -29.62 -5.18 3.08
CA GLY B 343 -30.16 -3.96 3.73
C GLY B 343 -29.41 -3.49 4.96
N ILE B 344 -28.11 -3.78 5.01
CA ILE B 344 -27.30 -3.53 6.20
C ILE B 344 -27.11 -2.02 6.42
N VAL B 345 -26.78 -1.29 5.35
CA VAL B 345 -26.60 0.17 5.43
C VAL B 345 -27.94 0.83 5.77
N GLN B 346 -29.02 0.43 5.09
CA GLN B 346 -30.35 0.99 5.36
C GLN B 346 -30.78 0.75 6.80
N ARG B 347 -30.45 -0.42 7.33
CA ARG B 347 -30.76 -0.77 8.70
C ARG B 347 -29.99 0.10 9.70
N VAL B 348 -28.75 0.50 9.37
CA VAL B 348 -28.06 1.46 10.25
C VAL B 348 -28.81 2.80 10.29
N LYS B 349 -29.28 3.27 9.15
CA LYS B 349 -29.94 4.56 9.09
C LYS B 349 -31.27 4.53 9.85
N ASP B 350 -32.04 3.46 9.63
CA ASP B 350 -33.46 3.42 10.05
C ASP B 350 -33.70 2.78 11.40
N ASP B 351 -32.78 1.93 11.84
CA ASP B 351 -33.06 1.03 12.95
C ASP B 351 -31.96 0.95 14.01
N ILE B 352 -30.84 0.31 13.69
CA ILE B 352 -29.81 0.08 14.70
C ILE B 352 -29.03 1.36 15.07
N GLY B 353 -28.79 2.23 14.08
CA GLY B 353 -28.16 3.54 14.36
C GLY B 353 -28.84 4.35 15.44
N PRO B 354 -30.12 4.75 15.22
CA PRO B 354 -30.90 5.47 16.24
C PRO B 354 -30.94 4.77 17.59
N TYR B 355 -31.09 3.46 17.56
CA TYR B 355 -31.08 2.65 18.76
C TYR B 355 -29.76 2.75 19.51
N MET B 356 -28.66 2.50 18.80
CA MET B 356 -27.32 2.59 19.40
C MET B 356 -27.07 3.98 19.99
N GLN B 357 -27.39 5.01 19.23
CA GLN B 357 -27.15 6.40 19.65
C GLN B 357 -27.94 6.74 20.92
N LYS B 358 -29.24 6.37 20.93
CA LYS B 358 -30.11 6.58 22.08
C LYS B 358 -29.59 5.79 23.28
N ARG B 359 -29.35 4.50 23.09
CA ARG B 359 -28.87 3.67 24.17
C ARG B 359 -27.46 4.05 24.67
N TRP B 360 -26.60 4.54 23.78
CA TRP B 360 -25.25 5.01 24.17
C TRP B 360 -25.36 6.19 25.10
N ARG B 361 -26.24 7.12 24.76
CA ARG B 361 -26.43 8.32 25.60
C ARG B 361 -27.11 8.03 26.95
N GLU B 362 -28.05 7.10 26.97
CA GLU B 362 -28.63 6.61 28.24
C GLU B 362 -27.60 6.00 29.18
N THR B 363 -26.81 5.06 28.66
CA THR B 363 -25.80 4.34 29.42
C THR B 363 -24.69 5.19 30.03
N PHE B 364 -24.11 6.10 29.23
CA PHE B 364 -22.89 6.77 29.70
C PHE B 364 -23.05 8.15 30.29
N SER B 365 -24.14 8.83 29.93
CA SER B 365 -24.31 10.25 30.32
C SER B 365 -24.28 10.49 31.83
N ARG B 366 -24.63 9.46 32.61
CA ARG B 366 -24.73 9.59 34.07
CA ARG B 366 -24.73 9.57 34.08
C ARG B 366 -23.40 9.57 34.86
N PHE B 367 -22.33 9.00 34.30
CA PHE B 367 -21.08 8.88 35.07
C PHE B 367 -20.37 10.19 35.38
N GLU B 368 -19.83 10.32 36.60
CA GLU B 368 -19.25 11.60 37.07
C GLU B 368 -18.04 12.06 36.25
N HIS B 369 -17.27 11.11 35.73
CA HIS B 369 -16.07 11.44 34.95
C HIS B 369 -16.17 11.03 33.50
N VAL B 370 -17.41 11.00 32.98
CA VAL B 370 -17.67 10.79 31.57
C VAL B 370 -18.39 12.03 31.04
N ASP B 371 -17.89 12.57 29.93
CA ASP B 371 -18.55 13.72 29.30
C ASP B 371 -18.48 13.67 27.76
N ASP B 372 -19.15 14.62 27.12
CA ASP B 372 -19.15 14.73 25.67
C ASP B 372 -19.58 13.41 25.01
N VAL B 373 -20.66 12.82 25.53
CA VAL B 373 -21.13 11.56 24.97
C VAL B 373 -21.70 11.87 23.59
N ARG B 374 -21.28 11.12 22.58
CA ARG B 374 -21.48 11.55 21.19
C ARG B 374 -21.48 10.37 20.26
N GLY B 375 -21.88 10.60 19.02
CA GLY B 375 -21.83 9.55 18.03
C GLY B 375 -22.91 9.72 17.01
N VAL B 376 -22.77 8.99 15.91
CA VAL B 376 -23.72 9.00 14.80
CA VAL B 376 -23.76 8.98 14.83
C VAL B 376 -23.74 7.62 14.15
N GLY B 377 -24.92 7.09 13.84
CA GLY B 377 -24.99 5.80 13.15
C GLY B 377 -24.46 4.70 14.05
N MET B 378 -23.35 4.10 13.63
CA MET B 378 -22.69 3.07 14.46
C MET B 378 -21.27 3.43 14.87
N VAL B 379 -20.94 4.73 14.88
CA VAL B 379 -19.71 5.17 15.53
C VAL B 379 -20.06 6.09 16.72
N GLN B 380 -19.46 5.86 17.87
CA GLN B 380 -19.85 6.59 19.07
C GLN B 380 -18.70 6.60 20.05
N ALA B 381 -18.74 7.53 21.00
CA ALA B 381 -17.62 7.76 21.90
C ALA B 381 -18.03 8.60 23.11
N PHE B 382 -17.10 8.76 24.02
CA PHE B 382 -17.25 9.70 25.11
C PHE B 382 -15.82 10.01 25.55
N THR B 383 -15.66 11.00 26.41
CA THR B 383 -14.32 11.33 26.92
C THR B 383 -14.30 11.25 28.43
N LEU B 384 -13.23 10.65 28.96
CA LEU B 384 -12.99 10.63 30.38
C LEU B 384 -12.42 11.98 30.80
N VAL B 385 -13.06 12.62 31.78
CA VAL B 385 -12.68 13.97 32.23
C VAL B 385 -12.50 14.09 33.74
N LYS B 386 -11.55 14.93 34.16
CA LYS B 386 -11.30 15.24 35.57
C LYS B 386 -12.51 15.89 36.21
N ASN B 387 -13.09 16.88 35.52
CA ASN B 387 -14.21 17.64 36.04
C ASN B 387 -15.15 18.07 34.93
N LYS B 388 -16.38 17.57 34.96
CA LYS B 388 -17.43 17.94 33.99
C LYS B 388 -17.82 19.43 34.08
N ALA B 389 -17.74 20.00 35.29
CA ALA B 389 -18.13 21.39 35.56
C ALA B 389 -17.28 22.36 34.76
N LYS B 390 -15.98 22.37 35.08
CA LYS B 390 -14.99 23.17 34.37
C LYS B 390 -14.69 22.67 32.95
N ARG B 391 -15.18 21.46 32.62
CA ARG B 391 -14.79 20.81 31.36
CA ARG B 391 -14.80 20.74 31.41
C ARG B 391 -13.28 20.61 31.35
N GLU B 392 -12.74 20.10 32.46
CA GLU B 392 -11.32 19.96 32.66
C GLU B 392 -10.88 18.53 32.39
N LEU B 393 -9.91 18.38 31.51
CA LEU B 393 -9.41 17.06 31.14
C LEU B 393 -8.39 16.59 32.18
N PHE B 394 -8.14 15.28 32.19
CA PHE B 394 -7.07 14.73 33.03
C PHE B 394 -5.73 15.15 32.45
N PRO B 395 -4.71 15.36 33.32
CA PRO B 395 -3.36 15.63 32.82
C PRO B 395 -2.77 14.37 32.18
N ASP B 396 -1.77 14.55 31.31
CA ASP B 396 -1.17 13.44 30.57
C ASP B 396 -2.22 12.62 29.82
N PHE B 397 -2.95 13.31 28.93
CA PHE B 397 -4.00 12.72 28.13
C PHE B 397 -3.58 11.34 27.63
N GLY B 398 -4.35 10.33 27.99
CA GLY B 398 -4.05 8.96 27.58
C GLY B 398 -3.89 7.99 28.72
N GLU B 399 -3.27 8.46 29.80
CA GLU B 399 -3.07 7.65 31.02
C GLU B 399 -4.36 7.03 31.56
N ILE B 400 -5.39 7.86 31.71
CA ILE B 400 -6.68 7.42 32.24
C ILE B 400 -7.44 6.56 31.22
N GLY B 401 -7.37 6.94 29.95
CA GLY B 401 -7.98 6.17 28.87
C GLY B 401 -7.50 4.72 28.83
N THR B 402 -6.21 4.53 29.09
CA THR B 402 -5.59 3.21 29.11
C THR B 402 -6.16 2.36 30.24
N LEU B 403 -6.23 2.97 31.42
CA LEU B 403 -6.82 2.40 32.63
C LEU B 403 -8.22 1.87 32.37
N CYS B 404 -9.07 2.69 31.75
CA CYS B 404 -10.43 2.29 31.44
C CYS B 404 -10.45 1.18 30.38
N ARG B 405 -9.58 1.28 29.38
CA ARG B 405 -9.48 0.27 28.32
C ARG B 405 -9.11 -1.13 28.88
N ASP B 406 -8.12 -1.17 29.77
CA ASP B 406 -7.71 -2.43 30.44
C ASP B 406 -8.86 -3.09 31.20
N ILE B 407 -9.68 -2.28 31.86
CA ILE B 407 -10.92 -2.76 32.50
C ILE B 407 -11.82 -3.47 31.46
N PHE B 408 -12.05 -2.83 30.31
CA PHE B 408 -12.89 -3.44 29.26
C PHE B 408 -12.37 -4.83 28.86
N PHE B 409 -11.05 -4.92 28.61
CA PHE B 409 -10.43 -6.15 28.13
CA PHE B 409 -10.40 -6.15 28.14
C PHE B 409 -10.56 -7.29 29.15
N ARG B 410 -10.27 -6.97 30.42
CA ARG B 410 -10.43 -7.90 31.53
C ARG B 410 -11.86 -8.42 31.56
N ASN B 411 -12.78 -7.68 30.95
CA ASN B 411 -14.17 -8.06 30.91
C ASN B 411 -14.67 -8.60 29.56
N ASN B 412 -13.74 -9.01 28.70
CA ASN B 412 -14.09 -9.56 27.37
C ASN B 412 -14.81 -8.56 26.44
N LEU B 413 -14.38 -7.30 26.51
CA LEU B 413 -14.92 -6.22 25.66
C LEU B 413 -13.79 -5.44 25.01
N ILE B 414 -13.83 -5.36 23.69
CA ILE B 414 -12.87 -4.56 22.95
C ILE B 414 -13.53 -3.23 22.63
N MET B 415 -13.01 -2.20 23.28
CA MET B 415 -13.22 -0.81 22.88
C MET B 415 -11.87 -0.08 22.85
N ARG B 416 -11.78 0.95 22.02
CA ARG B 416 -10.51 1.64 21.81
C ARG B 416 -10.37 2.93 22.64
N ALA B 417 -9.18 3.12 23.18
CA ALA B 417 -8.84 4.34 23.86
C ALA B 417 -7.94 5.17 22.94
N CYS B 418 -8.39 6.37 22.59
CA CYS B 418 -7.56 7.35 21.88
C CYS B 418 -7.32 8.53 22.82
N GLY B 419 -6.14 8.58 23.45
CA GLY B 419 -5.95 9.53 24.56
C GLY B 419 -6.96 9.16 25.64
N ASP B 420 -7.66 10.15 26.20
CA ASP B 420 -8.75 9.84 27.14
C ASP B 420 -10.15 9.71 26.54
N HIS B 421 -10.24 9.66 25.21
CA HIS B 421 -11.49 9.33 24.52
C HIS B 421 -11.65 7.84 24.47
N ILE B 422 -12.85 7.35 24.80
CA ILE B 422 -13.19 5.95 24.57
C ILE B 422 -14.07 5.86 23.34
N VAL B 423 -13.74 4.94 22.43
CA VAL B 423 -14.42 4.85 21.15
C VAL B 423 -14.94 3.46 20.81
N SER B 424 -16.03 3.42 20.05
CA SER B 424 -16.60 2.16 19.65
C SER B 424 -17.14 2.25 18.23
N ALA B 425 -16.92 1.19 17.45
CA ALA B 425 -17.48 1.08 16.13
C ALA B 425 -17.66 -0.39 15.84
N PRO B 426 -18.78 -1.01 16.30
CA PRO B 426 -18.95 -2.45 16.12
C PRO B 426 -19.36 -2.79 14.69
N PRO B 427 -19.35 -4.08 14.31
CA PRO B 427 -19.93 -4.43 13.01
C PRO B 427 -21.37 -3.91 12.85
N LEU B 428 -21.72 -3.46 11.66
CA LEU B 428 -23.01 -2.80 11.42
C LEU B 428 -24.19 -3.76 11.56
N VAL B 429 -23.88 -5.05 11.49
CA VAL B 429 -24.87 -6.11 11.60
C VAL B 429 -25.30 -6.44 13.04
N MET B 430 -24.62 -5.85 14.02
CA MET B 430 -24.94 -6.04 15.43
C MET B 430 -26.44 -5.85 15.70
N THR B 431 -27.05 -6.82 16.42
CA THR B 431 -28.49 -6.77 16.71
C THR B 431 -28.76 -5.83 17.89
N ARG B 432 -30.00 -5.39 18.02
CA ARG B 432 -30.42 -4.60 19.20
C ARG B 432 -30.03 -5.28 20.51
N ALA B 433 -30.23 -6.61 20.59
CA ALA B 433 -29.86 -7.36 21.78
C ALA B 433 -28.37 -7.40 21.98
N GLU B 434 -27.61 -7.59 20.89
CA GLU B 434 -26.14 -7.49 20.98
C GLU B 434 -25.69 -6.09 21.44
N VAL B 435 -26.39 -5.07 20.96
CA VAL B 435 -26.11 -3.70 21.44
C VAL B 435 -26.25 -3.59 22.96
N ASP B 436 -27.42 -4.00 23.48
CA ASP B 436 -27.62 -3.96 24.93
C ASP B 436 -26.62 -4.82 25.72
N GLU B 437 -26.26 -5.96 25.14
CA GLU B 437 -25.28 -6.85 25.75
C GLU B 437 -23.93 -6.14 25.92
N MET B 438 -23.49 -5.50 24.82
CA MET B 438 -22.24 -4.73 24.86
C MET B 438 -22.32 -3.61 25.89
N LEU B 439 -23.42 -2.85 25.85
CA LEU B 439 -23.61 -1.71 26.77
C LEU B 439 -23.74 -2.15 28.22
N ALA B 440 -24.40 -3.30 28.44
CA ALA B 440 -24.46 -3.88 29.78
C ALA B 440 -23.08 -4.12 30.36
N VAL B 441 -22.18 -4.71 29.56
CA VAL B 441 -20.80 -4.95 30.02
C VAL B 441 -20.03 -3.64 30.21
N ALA B 442 -20.16 -2.73 29.25
CA ALA B 442 -19.50 -1.42 29.30
C ALA B 442 -19.89 -0.64 30.56
N GLU B 443 -21.19 -0.68 30.89
CA GLU B 443 -21.70 0.02 32.07
C GLU B 443 -21.01 -0.46 33.35
N ARG B 444 -20.92 -1.79 33.49
CA ARG B 444 -20.24 -2.41 34.62
C ARG B 444 -18.79 -1.98 34.71
N CYS B 445 -18.11 -1.91 33.56
CA CYS B 445 -16.72 -1.45 33.51
C CYS B 445 -16.53 0.01 33.96
N LEU B 446 -17.50 0.86 33.63
CA LEU B 446 -17.46 2.26 34.03
C LEU B 446 -17.72 2.41 35.53
N GLU B 447 -18.64 1.60 36.07
CA GLU B 447 -18.84 1.52 37.53
CA GLU B 447 -18.84 1.50 37.53
C GLU B 447 -17.51 1.25 38.22
N GLU B 448 -16.77 0.25 37.71
CA GLU B 448 -15.49 -0.12 38.26
C GLU B 448 -14.46 0.99 38.09
N PHE B 449 -14.43 1.58 36.90
CA PHE B 449 -13.56 2.70 36.62
C PHE B 449 -13.77 3.84 37.61
N GLU B 450 -15.02 4.22 37.83
CA GLU B 450 -15.34 5.33 38.72
C GLU B 450 -14.84 5.07 40.15
N GLN B 451 -14.94 3.82 40.62
CA GLN B 451 -14.40 3.42 41.93
C GLN B 451 -12.88 3.54 41.98
N THR B 452 -12.22 3.02 40.95
CA THR B 452 -10.76 3.08 40.82
C THR B 452 -10.19 4.50 40.89
N LEU B 453 -10.92 5.48 40.33
CA LEU B 453 -10.48 6.88 40.39
C LEU B 453 -10.38 7.38 41.84
N LYS B 454 -11.49 7.25 42.58
CA LYS B 454 -11.54 7.66 44.00
C LYS B 454 -10.52 6.91 44.86
N ALA B 455 -10.44 5.59 44.65
CA ALA B 455 -9.47 4.73 45.35
C ALA B 455 -8.01 5.00 44.99
N ARG B 456 -7.77 6.13 44.31
CA ARG B 456 -6.42 6.61 44.02
C ARG B 456 -6.35 8.13 44.24
N GLY B 457 -7.47 8.69 44.67
CA GLY B 457 -7.61 10.13 44.83
C GLY B 457 -7.45 10.89 43.52
N LEU B 458 -7.68 10.20 42.39
CA LEU B 458 -7.61 10.81 41.06
C LEU B 458 -8.98 11.30 40.60
N ALA B 459 -9.97 11.26 41.51
CA ALA B 459 -11.34 11.68 41.22
C ALA B 459 -11.40 13.20 41.02
N1 PXG C . 9.95 -1.92 -6.23
C2 PXG C . 10.17 -2.40 -7.48
C2A PXG C . 11.59 -2.70 -7.92
C3 PXG C . 9.08 -2.60 -8.34
O3 PXG C . 9.32 -3.05 -9.60
C5 PXG C . 7.60 -1.85 -6.57
C6 PXG C . 8.73 -1.66 -5.76
C5A PXG C . 6.25 -1.55 -5.99
OP4 PXG C . 5.63 -2.79 -5.62
P PXG C . 4.02 -2.95 -5.61
OP1 PXG C . 3.44 -1.78 -4.82
OP2 PXG C . 3.68 -2.90 -7.07
OP3 PXG C . 3.84 -4.28 -4.97
C4 PXG C . 7.78 -2.34 -7.87
C4A PXG C . 6.56 -2.55 -8.77
C7 PXG C . 6.56 -3.85 -14.42
C8 PXG C . 6.09 -4.17 -13.03
O2 PXG C . 7.08 -2.75 -14.70
C9 PXG C . 6.71 -3.82 -11.80
C10 PXG C . 6.07 -4.15 -10.59
C11 PXG C . 4.87 -4.81 -10.64
C12 PXG C . 4.24 -5.14 -11.84
C13 PXG C . 4.85 -4.81 -13.03
O8 PXG C . 6.28 -4.66 -15.34
N9 PXG C . 6.57 -3.90 -9.36
N1 PXG D . -7.33 7.28 6.59
C2 PXG D . -7.94 7.10 7.80
C2A PXG D . -8.99 8.07 8.26
C3 PXG D . -7.60 6.02 8.61
O3 PXG D . -8.20 5.87 9.82
C5 PXG D . -6.05 5.32 6.92
C6 PXG D . -6.44 6.41 6.13
C5A PXG D . -5.01 4.35 6.39
OP4 PXG D . -5.73 3.17 5.96
P PXG D . -5.03 1.71 5.89
OP1 PXG D . -4.80 1.40 7.34
OP2 PXG D . -6.06 0.84 5.21
OP3 PXG D . -3.76 1.89 5.07
C4 PXG D . -6.64 5.13 8.16
C4A PXG D . -6.24 3.95 9.01
C7 PXG D . -7.30 2.85 14.54
C8 PXG D . -7.14 2.35 13.13
O2 PXG D . -7.84 2.10 15.38
C9 PXG D . -7.38 3.14 12.01
C10 PXG D . -7.20 2.60 10.73
C11 PXG D . -6.78 1.28 10.57
C12 PXG D . -6.53 0.50 11.70
C13 PXG D . -6.72 1.03 12.97
O8 PXG D . -6.87 3.98 14.86
N9 PXG D . -7.40 3.32 9.61
S SO4 E . -26.21 24.40 19.93
O1 SO4 E . -25.79 23.79 21.21
O2 SO4 E . -25.11 24.47 18.96
O3 SO4 E . -26.70 25.78 20.19
O4 SO4 E . -27.32 23.60 19.37
#